data_8RY2
#
_entry.id   8RY2
#
_cell.length_a   37.080
_cell.length_b   90.260
_cell.length_c   96.370
_cell.angle_alpha   87.020
_cell.angle_beta   79.830
_cell.angle_gamma   88.230
#
_symmetry.space_group_name_H-M   'P 1'
#
loop_
_entity.id
_entity.type
_entity.pdbx_description
1 polymer 'ANV419 heavy-chain'
2 polymer 'ANV419 light-chain'
3 water water
#
loop_
_entity_poly.entity_id
_entity_poly.type
_entity_poly.pdbx_seq_one_letter_code
_entity_poly.pdbx_strand_id
1 'polypeptide(L)'
;EVQLVQSGAEVKKPGESLKISCKGSGYAFTNYLIEWVRQMPGKGLEWMGVINPGSGGTNYNEKFKGQVTISADKSISTAY
LQWSSLKASDTAMYYCARWRGEGYYAYFDVWGQGTTVTVSSASTKGPSVFPLAPSSKSTSGGTAALGCLVKDYFPEPVTV
SWNSGALTSGVHTFPAVLQSSGLYSLSSVVTVPSSSLGTQTYICNVNHKPSNTKVDKKVEPKSC
;
A,H
2 'polypeptide(L)'
;AIRLTQSPSSFSASTGDRVTITCKASQSVDYGGGNFHLRPRDLISNINVIVLELKGSETTFMCEYADETATIVEFLNRWI
TFSQSIISTLTPTSSSTKKTQLQLEHLLLDLQMILNGINNYKNPKLTRMLTFKFYMPKKATELKHLQCLEEELKPLEEVL
NLAQSKGGGGDSYMNWYQQKPGKAPKLLIYAASNLESGVPSRFSGSGSGTDFTLTISSLQSEDFATYYCQQSNEDPYTFG
GGTKVEIKRTVAAPSVFIFPPSDEQLKSGTASVVCLLNNFYPREAKVQWKVDNALQSGNSQESVTEQDSKDSTYSLSSTL
TLSKADYEKHKVYACEVTHQGLSSPVTKSFNRGEC
;
B,L
#
# COMPACT_ATOMS: atom_id res chain seq x y z
N GLU A 1 -29.94 1.29 -5.75
CA GLU A 1 -31.16 0.78 -6.37
C GLU A 1 -30.92 -0.56 -7.06
N VAL A 2 -29.65 -0.82 -7.48
CA VAL A 2 -29.22 -2.04 -8.17
C VAL A 2 -29.30 -3.22 -7.21
N GLN A 3 -29.98 -4.30 -7.61
CA GLN A 3 -30.18 -5.48 -6.78
C GLN A 3 -30.22 -6.75 -7.59
N LEU A 4 -29.81 -7.84 -6.96
CA LEU A 4 -29.94 -9.21 -7.45
C LEU A 4 -30.78 -10.00 -6.41
N VAL A 5 -31.94 -10.53 -6.82
CA VAL A 5 -32.80 -11.28 -5.88
C VAL A 5 -32.85 -12.75 -6.24
N GLN A 6 -32.42 -13.59 -5.30
CA GLN A 6 -32.39 -15.04 -5.49
C GLN A 6 -33.63 -15.74 -4.93
N SER A 7 -33.91 -16.94 -5.49
CA SER A 7 -35.03 -17.77 -5.07
C SER A 7 -34.75 -18.37 -3.67
N GLY A 8 -35.81 -18.84 -3.02
CA GLY A 8 -35.75 -19.39 -1.67
C GLY A 8 -34.92 -20.65 -1.48
N ALA A 9 -34.73 -21.01 -0.19
CA ALA A 9 -34.01 -22.20 0.27
C ALA A 9 -34.60 -23.46 -0.33
N GLU A 10 -33.73 -24.37 -0.74
CA GLU A 10 -34.09 -25.64 -1.35
C GLU A 10 -33.66 -26.77 -0.49
N VAL A 11 -34.51 -27.80 -0.41
CA VAL A 11 -34.28 -29.06 0.33
C VAL A 11 -34.56 -30.14 -0.70
N LYS A 12 -33.55 -30.91 -1.08
CA LYS A 12 -33.69 -31.89 -2.16
C LYS A 12 -33.06 -33.19 -1.81
N LYS A 13 -33.36 -34.23 -2.59
CA LYS A 13 -32.81 -35.56 -2.41
C LYS A 13 -31.77 -35.82 -3.47
N PRO A 14 -30.75 -36.68 -3.20
CA PRO A 14 -29.78 -37.02 -4.26
C PRO A 14 -30.48 -37.56 -5.52
N GLY A 15 -29.96 -37.21 -6.68
CA GLY A 15 -30.52 -37.59 -7.98
C GLY A 15 -31.66 -36.72 -8.48
N GLU A 16 -32.15 -35.79 -7.65
CA GLU A 16 -33.20 -34.89 -8.08
C GLU A 16 -32.64 -33.72 -8.92
N SER A 17 -33.47 -33.18 -9.82
CA SER A 17 -33.08 -32.03 -10.61
C SER A 17 -33.45 -30.76 -9.80
N LEU A 18 -32.86 -29.65 -10.12
CA LEU A 18 -33.14 -28.38 -9.44
C LEU A 18 -32.71 -27.25 -10.34
N LYS A 19 -33.53 -26.19 -10.40
CA LYS A 19 -33.22 -24.93 -11.06
C LYS A 19 -33.46 -23.77 -10.06
N ILE A 20 -32.41 -22.99 -9.78
CA ILE A 20 -32.48 -21.82 -8.89
C ILE A 20 -32.30 -20.55 -9.72
N SER A 21 -32.87 -19.45 -9.25
CA SER A 21 -32.94 -18.22 -10.02
C SER A 21 -32.34 -17.02 -9.37
N CYS A 22 -31.99 -16.04 -10.23
CA CYS A 22 -31.35 -14.79 -9.89
C CYS A 22 -31.93 -13.70 -10.76
N LYS A 23 -32.76 -12.84 -10.17
CA LYS A 23 -33.43 -11.76 -10.88
C LYS A 23 -32.81 -10.40 -10.59
N GLY A 24 -32.40 -9.70 -11.66
CA GLY A 24 -31.83 -8.37 -11.59
C GLY A 24 -32.86 -7.28 -11.72
N SER A 25 -32.60 -6.12 -11.07
CA SER A 25 -33.43 -4.91 -11.11
C SER A 25 -32.58 -3.66 -10.79
N GLY A 26 -33.01 -2.51 -11.31
CA GLY A 26 -32.35 -1.22 -11.13
C GLY A 26 -31.29 -0.90 -12.16
N TYR A 27 -31.08 -1.80 -13.14
CA TYR A 27 -30.06 -1.64 -14.19
C TYR A 27 -30.43 -2.47 -15.43
N ALA A 28 -29.70 -2.28 -16.55
CA ALA A 28 -29.95 -3.03 -17.79
C ALA A 28 -29.28 -4.41 -17.68
N PHE A 29 -30.10 -5.43 -17.31
CA PHE A 29 -29.68 -6.81 -17.07
C PHE A 29 -28.79 -7.41 -18.19
N THR A 30 -29.16 -7.11 -19.44
CA THR A 30 -28.49 -7.57 -20.67
C THR A 30 -27.03 -7.11 -20.82
N ASN A 31 -26.65 -5.99 -20.18
CA ASN A 31 -25.35 -5.34 -20.32
C ASN A 31 -24.23 -5.84 -19.42
N TYR A 32 -24.57 -6.52 -18.30
CA TYR A 32 -23.56 -7.05 -17.36
C TYR A 32 -23.61 -8.56 -17.23
N LEU A 33 -22.43 -9.17 -17.12
CA LEU A 33 -22.27 -10.60 -16.94
C LEU A 33 -22.70 -11.02 -15.54
N ILE A 34 -23.38 -12.18 -15.45
CA ILE A 34 -23.85 -12.78 -14.21
C ILE A 34 -23.06 -14.04 -13.95
N GLU A 35 -22.50 -14.14 -12.74
CA GLU A 35 -21.67 -15.28 -12.36
C GLU A 35 -22.21 -16.02 -11.13
N TRP A 36 -21.93 -17.33 -11.04
CA TRP A 36 -22.36 -18.14 -9.90
C TRP A 36 -21.21 -18.58 -9.06
N VAL A 37 -21.34 -18.37 -7.74
CA VAL A 37 -20.31 -18.64 -6.72
C VAL A 37 -20.94 -19.50 -5.62
N ARG A 38 -20.28 -20.59 -5.22
CA ARG A 38 -20.82 -21.37 -4.10
C ARG A 38 -19.96 -21.27 -2.88
N GLN A 39 -20.59 -21.39 -1.71
CA GLN A 39 -19.89 -21.40 -0.43
C GLN A 39 -20.36 -22.58 0.40
N MET A 40 -19.43 -23.44 0.83
CA MET A 40 -19.79 -24.61 1.66
C MET A 40 -19.50 -24.30 3.13
N PRO A 41 -20.22 -24.90 4.12
CA PRO A 41 -19.95 -24.56 5.54
C PRO A 41 -18.53 -24.91 5.93
N GLY A 42 -17.86 -23.96 6.58
CA GLY A 42 -16.46 -24.07 7.00
C GLY A 42 -15.51 -23.66 5.90
N LYS A 43 -15.79 -24.17 4.67
CA LYS A 43 -15.03 -23.87 3.45
C LYS A 43 -15.34 -22.43 2.93
N GLY A 44 -14.53 -21.96 2.02
CA GLY A 44 -14.68 -20.64 1.42
C GLY A 44 -15.57 -20.63 0.21
N LEU A 45 -15.26 -19.74 -0.70
CA LEU A 45 -16.03 -19.51 -1.92
C LEU A 45 -15.38 -20.14 -3.14
N GLU A 46 -16.19 -20.72 -4.04
CA GLU A 46 -15.68 -21.32 -5.28
C GLU A 46 -16.49 -20.77 -6.43
N TRP A 47 -15.80 -20.45 -7.52
CA TRP A 47 -16.47 -19.92 -8.71
C TRP A 47 -16.99 -21.08 -9.54
N MET A 48 -18.19 -20.95 -10.05
CA MET A 48 -18.82 -22.05 -10.80
C MET A 48 -18.92 -21.82 -12.29
N GLY A 49 -19.27 -20.61 -12.69
CA GLY A 49 -19.43 -20.25 -14.08
C GLY A 49 -20.04 -18.88 -14.24
N VAL A 50 -20.16 -18.47 -15.50
CA VAL A 50 -20.65 -17.16 -15.93
C VAL A 50 -21.60 -17.30 -17.10
N ILE A 51 -22.65 -16.45 -17.12
CA ILE A 51 -23.56 -16.26 -18.24
C ILE A 51 -23.44 -14.79 -18.76
N ASN A 52 -23.41 -14.62 -20.08
CA ASN A 52 -23.51 -13.31 -20.70
C ASN A 52 -25.01 -13.24 -21.03
N PRO A 53 -25.83 -12.46 -20.27
CA PRO A 53 -27.27 -12.44 -20.54
C PRO A 53 -27.68 -11.95 -21.92
N GLY A 54 -26.84 -11.12 -22.55
CA GLY A 54 -27.09 -10.57 -23.87
C GLY A 54 -26.94 -11.57 -25.00
N SER A 55 -26.11 -12.60 -24.83
CA SER A 55 -25.84 -13.58 -25.89
C SER A 55 -26.23 -15.03 -25.56
N GLY A 56 -26.32 -15.35 -24.28
CA GLY A 56 -26.51 -16.72 -23.83
C GLY A 56 -25.18 -17.45 -23.73
N GLY A 57 -24.10 -16.72 -24.01
CA GLY A 57 -22.71 -17.20 -23.95
C GLY A 57 -22.34 -17.55 -22.53
N THR A 58 -21.77 -18.75 -22.34
CA THR A 58 -21.41 -19.26 -21.01
C THR A 58 -20.02 -19.83 -20.96
N ASN A 59 -19.48 -19.92 -19.74
CA ASN A 59 -18.20 -20.51 -19.45
C ASN A 59 -18.33 -21.16 -18.08
N TYR A 60 -17.78 -22.37 -17.90
CA TYR A 60 -17.86 -23.15 -16.65
C TYR A 60 -16.49 -23.49 -16.09
N ASN A 61 -16.45 -23.60 -14.75
CA ASN A 61 -15.29 -24.08 -14.04
C ASN A 61 -15.32 -25.58 -14.39
N GLU A 62 -14.21 -26.09 -14.89
CA GLU A 62 -14.04 -27.49 -15.31
C GLU A 62 -14.54 -28.50 -14.23
N LYS A 63 -14.44 -28.10 -12.94
CA LYS A 63 -14.87 -28.85 -11.76
C LYS A 63 -16.38 -29.15 -11.77
N PHE A 64 -17.20 -28.23 -12.30
CA PHE A 64 -18.65 -28.35 -12.36
C PHE A 64 -19.20 -28.62 -13.78
N LYS A 65 -18.34 -28.62 -14.81
CA LYS A 65 -18.73 -28.87 -16.22
C LYS A 65 -19.44 -30.24 -16.34
N GLY A 66 -20.61 -30.25 -16.96
CA GLY A 66 -21.41 -31.47 -17.09
C GLY A 66 -22.35 -31.75 -15.93
N GLN A 67 -22.14 -31.09 -14.76
CA GLN A 67 -23.00 -31.25 -13.58
C GLN A 67 -24.03 -30.13 -13.51
N VAL A 68 -23.66 -28.91 -13.97
CA VAL A 68 -24.57 -27.75 -13.94
C VAL A 68 -24.75 -27.12 -15.33
N THR A 69 -25.84 -26.36 -15.50
CA THR A 69 -26.12 -25.56 -16.68
C THR A 69 -26.54 -24.19 -16.18
N ILE A 70 -25.92 -23.17 -16.75
CA ILE A 70 -26.25 -21.79 -16.48
C ILE A 70 -27.01 -21.28 -17.71
N SER A 71 -28.12 -20.60 -17.49
CA SER A 71 -28.95 -20.06 -18.56
C SER A 71 -29.52 -18.74 -18.09
N ALA A 72 -30.11 -18.00 -19.00
CA ALA A 72 -30.72 -16.72 -18.70
C ALA A 72 -31.90 -16.48 -19.59
N ASP A 73 -32.85 -15.71 -19.05
CA ASP A 73 -34.01 -15.26 -19.77
C ASP A 73 -34.02 -13.75 -19.70
N LYS A 74 -33.45 -13.15 -20.76
CA LYS A 74 -33.29 -11.72 -21.01
C LYS A 74 -34.58 -10.93 -20.76
N SER A 75 -35.71 -11.40 -21.30
CA SER A 75 -37.03 -10.76 -21.21
C SER A 75 -37.58 -10.58 -19.79
N ILE A 76 -37.08 -11.37 -18.83
CA ILE A 76 -37.55 -11.30 -17.44
C ILE A 76 -36.39 -11.00 -16.46
N SER A 77 -35.24 -10.52 -17.00
CA SER A 77 -34.03 -10.14 -16.25
C SER A 77 -33.60 -11.20 -15.24
N THR A 78 -33.65 -12.47 -15.64
CA THR A 78 -33.36 -13.59 -14.75
C THR A 78 -32.30 -14.53 -15.29
N ALA A 79 -31.40 -14.96 -14.40
CA ALA A 79 -30.33 -15.92 -14.64
C ALA A 79 -30.65 -17.15 -13.80
N TYR A 80 -30.22 -18.32 -14.27
CA TYR A 80 -30.50 -19.61 -13.65
C TYR A 80 -29.27 -20.46 -13.46
N LEU A 81 -29.34 -21.33 -12.45
CA LEU A 81 -28.32 -22.33 -12.13
C LEU A 81 -29.15 -23.61 -11.99
N GLN A 82 -28.83 -24.60 -12.80
CA GLN A 82 -29.59 -25.84 -12.86
C GLN A 82 -28.71 -27.10 -12.77
N TRP A 83 -29.23 -28.10 -12.04
CA TRP A 83 -28.64 -29.43 -11.87
C TRP A 83 -29.60 -30.45 -12.45
N SER A 84 -29.08 -31.44 -13.18
CA SER A 84 -29.89 -32.53 -13.69
C SER A 84 -30.04 -33.65 -12.64
N SER A 85 -28.99 -33.84 -11.82
CA SER A 85 -28.93 -34.89 -10.80
C SER A 85 -28.05 -34.47 -9.61
N LEU A 86 -28.69 -33.92 -8.56
CA LEU A 86 -28.02 -33.45 -7.34
C LEU A 86 -27.25 -34.54 -6.58
N LYS A 87 -26.15 -34.14 -5.94
CA LYS A 87 -25.28 -35.00 -5.15
C LYS A 87 -25.19 -34.42 -3.78
N ALA A 88 -24.78 -35.23 -2.77
CA ALA A 88 -24.54 -34.78 -1.39
C ALA A 88 -23.54 -33.59 -1.39
N SER A 89 -22.52 -33.64 -2.25
CA SER A 89 -21.54 -32.59 -2.46
C SER A 89 -22.12 -31.27 -3.06
N ASP A 90 -23.43 -31.22 -3.36
CA ASP A 90 -24.02 -29.98 -3.85
C ASP A 90 -24.62 -29.17 -2.72
N THR A 91 -24.59 -29.69 -1.48
CA THR A 91 -25.10 -28.95 -0.32
C THR A 91 -24.19 -27.72 -0.12
N ALA A 92 -24.74 -26.52 -0.27
CA ALA A 92 -23.98 -25.25 -0.15
C ALA A 92 -24.90 -24.05 -0.20
N MET A 93 -24.31 -22.88 -0.01
CA MET A 93 -24.95 -21.59 -0.21
C MET A 93 -24.54 -21.16 -1.64
N TYR A 94 -25.47 -20.75 -2.48
CA TYR A 94 -25.18 -20.29 -3.84
C TYR A 94 -25.45 -18.83 -3.99
N TYR A 95 -24.50 -18.09 -4.55
CA TYR A 95 -24.65 -16.64 -4.84
C TYR A 95 -24.58 -16.40 -6.31
N CYS A 96 -25.35 -15.43 -6.78
CA CYS A 96 -25.17 -14.93 -8.13
C CYS A 96 -24.50 -13.56 -7.91
N ALA A 97 -23.65 -13.14 -8.84
CA ALA A 97 -22.95 -11.86 -8.74
C ALA A 97 -22.85 -11.21 -10.06
N ARG A 98 -22.93 -9.88 -10.06
CA ARG A 98 -22.77 -9.03 -11.24
C ARG A 98 -21.26 -8.74 -11.40
N TRP A 99 -20.75 -9.03 -12.60
CA TRP A 99 -19.36 -8.80 -12.96
C TRP A 99 -19.14 -7.40 -13.58
N ARG A 100 -18.13 -6.67 -13.07
CA ARG A 100 -17.72 -5.36 -13.58
C ARG A 100 -16.35 -5.59 -14.22
N GLY A 101 -16.33 -5.47 -15.54
CA GLY A 101 -15.14 -5.71 -16.34
C GLY A 101 -14.59 -4.63 -17.24
N GLU A 102 -15.00 -3.34 -17.09
CA GLU A 102 -14.48 -2.25 -17.93
C GLU A 102 -12.98 -1.99 -17.64
N GLY A 103 -12.20 -1.69 -18.69
CA GLY A 103 -10.77 -1.43 -18.56
C GLY A 103 -10.06 -2.50 -17.74
N TYR A 104 -9.41 -2.08 -16.64
CA TYR A 104 -8.70 -2.99 -15.73
C TYR A 104 -9.61 -3.69 -14.69
N TYR A 105 -10.90 -3.26 -14.58
CA TYR A 105 -11.79 -3.87 -13.60
C TYR A 105 -12.04 -5.33 -13.92
N ALA A 106 -12.12 -6.18 -12.90
CA ALA A 106 -12.56 -7.57 -13.04
C ALA A 106 -13.09 -7.99 -11.64
N TYR A 107 -14.23 -7.41 -11.24
CA TYR A 107 -14.75 -7.63 -9.88
C TYR A 107 -16.29 -7.82 -9.79
N PHE A 108 -16.77 -8.27 -8.62
CA PHE A 108 -18.19 -8.50 -8.36
C PHE A 108 -18.69 -7.38 -7.44
N ASP A 109 -19.48 -6.44 -8.00
CA ASP A 109 -19.96 -5.32 -7.18
C ASP A 109 -21.33 -5.60 -6.55
N VAL A 110 -22.25 -6.27 -7.28
CA VAL A 110 -23.56 -6.57 -6.72
C VAL A 110 -23.72 -8.08 -6.53
N TRP A 111 -24.20 -8.47 -5.37
CA TRP A 111 -24.40 -9.87 -5.03
C TRP A 111 -25.84 -10.15 -4.68
N GLY A 112 -26.30 -11.34 -5.05
CA GLY A 112 -27.59 -11.85 -4.61
C GLY A 112 -27.49 -12.16 -3.12
N GLN A 113 -28.63 -12.36 -2.43
CA GLN A 113 -28.63 -12.59 -0.98
C GLN A 113 -28.20 -14.01 -0.62
N GLY A 114 -28.14 -14.90 -1.61
CA GLY A 114 -27.81 -16.31 -1.39
C GLY A 114 -29.02 -17.23 -1.36
N THR A 115 -28.83 -18.45 -1.88
CA THR A 115 -29.81 -19.54 -1.89
C THR A 115 -29.13 -20.74 -1.28
N THR A 116 -29.67 -21.26 -0.19
CA THR A 116 -29.09 -22.48 0.38
C THR A 116 -29.70 -23.68 -0.32
N VAL A 117 -28.87 -24.69 -0.60
CA VAL A 117 -29.26 -25.96 -1.18
C VAL A 117 -28.80 -27.03 -0.19
N THR A 118 -29.77 -27.82 0.27
CA THR A 118 -29.52 -28.93 1.17
C THR A 118 -29.89 -30.20 0.44
N VAL A 119 -28.91 -31.09 0.24
CA VAL A 119 -29.11 -32.40 -0.40
C VAL A 119 -29.02 -33.50 0.66
N SER A 120 -30.13 -34.19 0.86
CA SER A 120 -30.23 -35.24 1.85
C SER A 120 -31.33 -36.19 1.46
N SER A 121 -31.15 -37.47 1.77
CA SER A 121 -32.18 -38.49 1.54
C SER A 121 -33.22 -38.47 2.69
N ALA A 122 -32.99 -37.68 3.76
CA ALA A 122 -33.93 -37.65 4.87
C ALA A 122 -35.29 -37.05 4.44
N SER A 123 -36.37 -37.46 5.15
CA SER A 123 -37.72 -36.96 4.95
C SER A 123 -38.05 -36.06 6.12
N THR A 124 -38.99 -35.13 5.90
CA THR A 124 -39.46 -34.23 6.96
C THR A 124 -39.82 -35.02 8.22
N LYS A 125 -39.29 -34.56 9.37
CA LYS A 125 -39.49 -35.19 10.65
C LYS A 125 -39.54 -34.09 11.70
N GLY A 126 -40.58 -34.07 12.49
CA GLY A 126 -40.73 -33.07 13.56
C GLY A 126 -39.86 -33.42 14.76
N PRO A 127 -39.44 -32.45 15.60
CA PRO A 127 -38.56 -32.82 16.71
C PRO A 127 -39.29 -33.39 17.91
N SER A 128 -38.54 -34.11 18.76
CA SER A 128 -38.94 -34.56 20.08
C SER A 128 -38.31 -33.49 20.98
N VAL A 129 -39.07 -32.96 21.92
CA VAL A 129 -38.60 -31.87 22.80
C VAL A 129 -38.52 -32.44 24.21
N PHE A 130 -37.30 -32.40 24.80
CA PHE A 130 -37.07 -32.91 26.14
C PHE A 130 -36.56 -31.78 27.02
N PRO A 131 -37.00 -31.72 28.31
CA PRO A 131 -36.51 -30.67 29.21
C PRO A 131 -35.09 -30.93 29.69
N LEU A 132 -34.33 -29.86 29.98
CA LEU A 132 -32.99 -29.89 30.57
C LEU A 132 -33.24 -29.19 31.93
N ALA A 133 -33.65 -30.01 32.91
CA ALA A 133 -34.06 -29.55 34.23
C ALA A 133 -32.96 -28.89 35.06
N PRO A 134 -33.27 -27.73 35.70
CA PRO A 134 -32.29 -27.11 36.59
C PRO A 134 -32.13 -27.93 37.88
N SER A 135 -30.89 -27.94 38.44
CA SER A 135 -30.54 -28.64 39.69
C SER A 135 -31.21 -28.00 40.91
N GLY A 142 -25.94 -16.64 42.48
CA GLY A 142 -27.17 -17.42 42.50
C GLY A 142 -27.90 -17.41 41.18
N THR A 143 -27.40 -18.19 40.21
CA THR A 143 -28.00 -18.30 38.87
C THR A 143 -28.13 -19.77 38.44
N ALA A 144 -29.36 -20.12 38.00
CA ALA A 144 -29.71 -21.45 37.54
C ALA A 144 -29.80 -21.49 36.03
N ALA A 145 -29.35 -22.61 35.44
CA ALA A 145 -29.47 -22.82 34.00
C ALA A 145 -30.47 -23.92 33.78
N LEU A 146 -31.31 -23.75 32.77
CA LEU A 146 -32.32 -24.74 32.39
C LEU A 146 -32.45 -24.66 30.89
N GLY A 147 -33.04 -25.67 30.28
CA GLY A 147 -33.20 -25.67 28.83
C GLY A 147 -34.12 -26.69 28.22
N CYS A 148 -34.03 -26.81 26.89
CA CYS A 148 -34.76 -27.76 26.08
C CYS A 148 -33.84 -28.38 25.05
N LEU A 149 -33.99 -29.67 24.84
CA LEU A 149 -33.28 -30.44 23.85
C LEU A 149 -34.29 -30.73 22.78
N VAL A 150 -34.00 -30.21 21.58
CA VAL A 150 -34.86 -30.30 20.39
C VAL A 150 -34.10 -31.25 19.49
N LYS A 151 -34.56 -32.50 19.45
CA LYS A 151 -33.82 -33.54 18.81
C LYS A 151 -34.55 -34.27 17.73
N ASP A 152 -33.78 -34.80 16.76
CA ASP A 152 -34.17 -35.67 15.66
C ASP A 152 -35.21 -35.06 14.76
N TYR A 153 -34.88 -33.89 14.17
CA TYR A 153 -35.76 -33.22 13.20
C TYR A 153 -35.06 -32.97 11.89
N PHE A 154 -35.87 -32.78 10.84
CA PHE A 154 -35.39 -32.50 9.48
C PHE A 154 -36.52 -31.81 8.73
N PRO A 155 -36.21 -30.83 7.84
CA PRO A 155 -34.90 -30.19 7.65
C PRO A 155 -34.80 -29.06 8.66
N GLU A 156 -33.79 -28.21 8.56
CA GLU A 156 -33.72 -26.98 9.37
C GLU A 156 -34.75 -26.01 8.71
N PRO A 157 -35.20 -24.92 9.37
CA PRO A 157 -34.88 -24.54 10.76
C PRO A 157 -35.97 -24.98 11.74
N VAL A 158 -35.66 -24.84 13.01
CA VAL A 158 -36.61 -24.94 14.10
C VAL A 158 -36.54 -23.54 14.78
N THR A 159 -37.66 -23.04 15.37
CA THR A 159 -37.61 -21.80 16.16
C THR A 159 -37.85 -22.20 17.62
N VAL A 160 -37.07 -21.63 18.55
CA VAL A 160 -37.25 -21.89 19.97
C VAL A 160 -37.40 -20.56 20.69
N SER A 161 -38.46 -20.42 21.49
CA SER A 161 -38.65 -19.24 22.34
C SER A 161 -38.91 -19.70 23.79
N TRP A 162 -38.90 -18.77 24.75
CA TRP A 162 -39.12 -19.03 26.15
C TRP A 162 -40.22 -18.14 26.66
N ASN A 163 -41.25 -18.76 27.27
CA ASN A 163 -42.45 -18.10 27.81
C ASN A 163 -43.09 -17.22 26.74
N SER A 164 -43.29 -17.83 25.55
CA SER A 164 -43.86 -17.20 24.35
C SER A 164 -43.03 -15.96 23.87
N GLY A 165 -41.72 -16.06 24.02
CA GLY A 165 -40.76 -15.03 23.63
C GLY A 165 -40.51 -13.96 24.68
N ALA A 166 -41.34 -13.89 25.76
CA ALA A 166 -41.21 -12.86 26.80
C ALA A 166 -39.87 -12.96 27.59
N LEU A 167 -39.30 -14.18 27.67
CA LEU A 167 -38.02 -14.43 28.34
C LEU A 167 -36.93 -14.49 27.26
N THR A 168 -36.09 -13.42 27.20
CA THR A 168 -35.02 -13.30 26.16
C THR A 168 -33.65 -13.16 26.83
N SER A 169 -33.61 -12.49 27.96
CA SER A 169 -32.36 -12.26 28.66
C SER A 169 -31.75 -13.59 29.17
N GLY A 170 -30.52 -13.86 28.73
CA GLY A 170 -29.76 -15.05 29.10
C GLY A 170 -30.02 -16.28 28.27
N VAL A 171 -30.74 -16.12 27.14
CA VAL A 171 -31.06 -17.25 26.24
C VAL A 171 -29.92 -17.51 25.25
N HIS A 172 -29.59 -18.78 25.02
CA HIS A 172 -28.66 -19.20 24.00
C HIS A 172 -29.27 -20.41 23.32
N THR A 173 -29.61 -20.25 22.03
CA THR A 173 -30.16 -21.34 21.23
C THR A 173 -29.01 -21.68 20.32
N PHE A 174 -28.42 -22.83 20.57
CA PHE A 174 -27.21 -23.30 19.89
C PHE A 174 -27.45 -23.60 18.43
N PRO A 175 -26.42 -23.47 17.55
CA PRO A 175 -26.57 -23.92 16.16
C PRO A 175 -26.92 -25.40 16.13
N ALA A 176 -27.64 -25.86 15.12
CA ALA A 176 -28.02 -27.26 15.03
C ALA A 176 -26.83 -28.09 14.60
N VAL A 177 -26.76 -29.34 15.09
CA VAL A 177 -25.70 -30.25 14.67
C VAL A 177 -26.39 -31.35 13.86
N LEU A 178 -25.78 -31.73 12.75
CA LEU A 178 -26.31 -32.79 11.89
C LEU A 178 -25.75 -34.11 12.43
N GLN A 179 -26.64 -34.98 12.98
CA GLN A 179 -26.23 -36.27 13.55
C GLN A 179 -25.89 -37.24 12.42
N SER A 180 -25.29 -38.40 12.74
CA SER A 180 -24.96 -39.39 11.69
C SER A 180 -26.22 -40.02 11.09
N SER A 181 -27.35 -39.96 11.83
CA SER A 181 -28.68 -40.45 11.41
C SER A 181 -29.24 -39.67 10.20
N GLY A 182 -28.73 -38.45 9.97
CA GLY A 182 -29.18 -37.56 8.90
C GLY A 182 -30.16 -36.54 9.47
N LEU A 183 -30.35 -36.61 10.79
CA LEU A 183 -31.32 -35.75 11.45
C LEU A 183 -30.58 -34.74 12.27
N TYR A 184 -31.20 -33.58 12.48
CA TYR A 184 -30.58 -32.48 13.24
C TYR A 184 -30.96 -32.54 14.71
N SER A 185 -30.17 -31.84 15.56
CA SER A 185 -30.44 -31.74 16.95
C SER A 185 -29.90 -30.41 17.46
N LEU A 186 -30.59 -29.80 18.40
CA LEU A 186 -30.09 -28.60 19.07
C LEU A 186 -30.62 -28.48 20.50
N SER A 187 -29.95 -27.62 21.28
CA SER A 187 -30.34 -27.26 22.63
C SER A 187 -30.50 -25.76 22.69
N SER A 188 -31.43 -25.29 23.52
CA SER A 188 -31.67 -23.88 23.82
C SER A 188 -31.65 -23.82 25.33
N VAL A 189 -30.79 -22.99 25.89
CA VAL A 189 -30.62 -22.86 27.34
C VAL A 189 -30.93 -21.42 27.78
N VAL A 190 -31.27 -21.26 29.04
CA VAL A 190 -31.50 -19.94 29.61
C VAL A 190 -30.98 -19.94 31.05
N THR A 191 -30.33 -18.83 31.48
CA THR A 191 -29.85 -18.65 32.86
C THR A 191 -30.82 -17.69 33.52
N VAL A 192 -31.32 -18.05 34.71
CA VAL A 192 -32.35 -17.27 35.43
C VAL A 192 -31.96 -17.10 36.93
N PRO A 193 -32.53 -16.10 37.67
CA PRO A 193 -32.20 -16.00 39.11
C PRO A 193 -32.58 -17.31 39.82
N SER A 194 -31.66 -17.87 40.60
CA SER A 194 -31.89 -19.14 41.31
C SER A 194 -33.25 -19.28 41.99
N SER A 195 -33.65 -18.25 42.75
CA SER A 195 -34.91 -18.27 43.50
C SER A 195 -36.20 -18.13 42.63
N SER A 196 -36.06 -17.87 41.32
CA SER A 196 -37.22 -17.78 40.44
C SER A 196 -37.79 -19.17 40.14
N LEU A 197 -36.97 -20.24 40.30
CA LEU A 197 -37.35 -21.63 40.03
C LEU A 197 -38.62 -22.10 40.74
N GLY A 198 -38.90 -21.51 41.92
CA GLY A 198 -40.08 -21.81 42.72
C GLY A 198 -41.17 -20.76 42.63
N THR A 199 -41.19 -19.97 41.54
CA THR A 199 -42.18 -18.91 41.33
C THR A 199 -42.62 -18.89 39.84
N GLN A 200 -41.65 -18.73 38.93
CA GLN A 200 -41.83 -18.63 37.48
C GLN A 200 -41.99 -19.98 36.84
N THR A 201 -42.92 -20.06 35.92
CA THR A 201 -43.10 -21.24 35.11
C THR A 201 -42.24 -21.00 33.88
N TYR A 202 -41.42 -21.99 33.51
CA TYR A 202 -40.55 -21.94 32.32
C TYR A 202 -41.02 -22.88 31.27
N ILE A 203 -41.40 -22.32 30.13
CA ILE A 203 -41.90 -23.09 29.00
C ILE A 203 -41.09 -22.76 27.77
N CYS A 204 -40.56 -23.79 27.10
CA CYS A 204 -39.91 -23.58 25.82
C CYS A 204 -40.90 -23.86 24.69
N ASN A 205 -41.04 -22.88 23.79
CA ASN A 205 -41.95 -22.97 22.64
C ASN A 205 -41.14 -23.31 21.40
N VAL A 206 -41.30 -24.54 20.90
CA VAL A 206 -40.59 -25.07 19.72
C VAL A 206 -41.54 -25.17 18.56
N ASN A 207 -41.16 -24.59 17.40
CA ASN A 207 -41.94 -24.62 16.15
C ASN A 207 -41.06 -25.18 15.03
N HIS A 208 -41.56 -26.17 14.33
CA HIS A 208 -40.91 -26.76 13.15
C HIS A 208 -41.97 -26.71 12.07
N LYS A 209 -41.94 -25.65 11.24
CA LYS A 209 -42.97 -25.43 10.20
C LYS A 209 -43.12 -26.60 9.23
N PRO A 210 -42.03 -27.22 8.71
CA PRO A 210 -42.24 -28.31 7.72
C PRO A 210 -43.15 -29.46 8.21
N SER A 211 -43.05 -29.85 9.47
CA SER A 211 -43.86 -30.93 10.08
C SER A 211 -45.09 -30.36 10.83
N ASN A 212 -45.20 -29.01 10.93
CA ASN A 212 -46.31 -28.35 11.65
C ASN A 212 -46.28 -28.72 13.16
N THR A 213 -45.07 -28.95 13.70
CA THR A 213 -44.84 -29.24 15.11
C THR A 213 -44.85 -27.91 15.87
N LYS A 214 -45.64 -27.85 16.94
CA LYS A 214 -45.73 -26.71 17.85
C LYS A 214 -45.81 -27.34 19.21
N VAL A 215 -44.65 -27.38 19.91
CA VAL A 215 -44.52 -27.98 21.24
C VAL A 215 -44.27 -26.85 22.26
N ASP A 216 -44.98 -26.89 23.40
CA ASP A 216 -44.82 -25.99 24.53
C ASP A 216 -44.41 -26.88 25.70
N LYS A 217 -43.09 -27.07 25.88
CA LYS A 217 -42.52 -27.93 26.90
C LYS A 217 -42.23 -27.19 28.20
N LYS A 218 -42.95 -27.54 29.26
CA LYS A 218 -42.76 -26.95 30.58
C LYS A 218 -41.53 -27.64 31.19
N VAL A 219 -40.57 -26.83 31.66
CA VAL A 219 -39.32 -27.28 32.24
C VAL A 219 -39.43 -27.06 33.76
N GLU A 220 -39.51 -28.16 34.52
CA GLU A 220 -39.69 -28.12 35.97
C GLU A 220 -38.42 -28.49 36.70
N PRO A 221 -38.07 -27.83 37.84
CA PRO A 221 -36.86 -28.24 38.61
C PRO A 221 -36.95 -29.70 39.10
N LYS A 222 -35.80 -30.44 39.09
CA LYS A 222 -35.69 -31.87 39.44
C LYS A 222 -34.22 -32.30 39.47
N ILE B 2 -4.87 -20.79 -9.69
CA ILE B 2 -4.10 -19.95 -8.76
C ILE B 2 -4.67 -20.12 -7.37
N ARG B 3 -3.85 -20.58 -6.43
CA ARG B 3 -4.19 -20.77 -5.03
C ARG B 3 -3.90 -19.48 -4.26
N LEU B 4 -4.85 -19.03 -3.45
CA LEU B 4 -4.76 -17.81 -2.62
C LEU B 4 -4.70 -18.21 -1.16
N THR B 5 -3.65 -17.80 -0.43
CA THR B 5 -3.44 -18.12 1.00
C THR B 5 -3.60 -16.88 1.84
N GLN B 6 -4.50 -16.94 2.80
CA GLN B 6 -4.71 -15.80 3.68
C GLN B 6 -4.09 -16.03 5.05
N SER B 7 -3.48 -14.98 5.64
CA SER B 7 -2.90 -15.12 6.98
C SER B 7 -3.09 -13.87 7.85
N PRO B 8 -3.42 -14.07 9.15
CA PRO B 8 -3.75 -15.36 9.80
C PRO B 8 -5.15 -15.81 9.36
N SER B 9 -5.53 -17.03 9.63
CA SER B 9 -6.86 -17.53 9.26
C SER B 9 -7.96 -16.90 10.13
N SER B 10 -7.58 -16.50 11.36
CA SER B 10 -8.45 -15.89 12.35
C SER B 10 -7.60 -15.20 13.39
N PHE B 11 -8.11 -14.10 13.95
CA PHE B 11 -7.46 -13.36 15.04
C PHE B 11 -8.40 -12.39 15.75
N SER B 12 -8.10 -12.17 17.05
CA SER B 12 -8.79 -11.29 17.98
C SER B 12 -8.13 -9.91 17.96
N ALA B 13 -8.94 -8.85 17.85
CA ALA B 13 -8.46 -7.47 17.83
C ALA B 13 -9.40 -6.59 18.65
N SER B 14 -8.93 -5.44 19.12
CA SER B 14 -9.73 -4.51 19.91
C SER B 14 -10.14 -3.32 19.04
N THR B 15 -11.23 -2.59 19.40
CA THR B 15 -11.66 -1.38 18.65
C THR B 15 -10.61 -0.31 18.87
N GLY B 16 -10.35 0.47 17.83
CA GLY B 16 -9.30 1.47 17.84
C GLY B 16 -7.96 0.91 17.44
N ASP B 17 -7.88 -0.42 17.17
CA ASP B 17 -6.62 -1.08 16.77
C ASP B 17 -6.40 -0.99 15.25
N ARG B 18 -5.14 -1.05 14.84
CA ARG B 18 -4.75 -1.10 13.44
C ARG B 18 -4.66 -2.58 13.06
N VAL B 19 -5.26 -2.95 11.91
CA VAL B 19 -5.32 -4.33 11.44
C VAL B 19 -4.79 -4.49 10.02
N THR B 20 -3.85 -5.42 9.82
CA THR B 20 -3.33 -5.72 8.50
C THR B 20 -3.48 -7.21 8.22
N ILE B 21 -4.22 -7.55 7.17
CA ILE B 21 -4.42 -8.94 6.78
C ILE B 21 -3.73 -9.17 5.42
N THR B 22 -3.17 -10.36 5.21
CA THR B 22 -2.41 -10.67 4.00
C THR B 22 -3.04 -11.72 3.11
N CYS B 23 -2.67 -11.68 1.82
CA CYS B 23 -3.07 -12.62 0.78
C CYS B 23 -1.82 -12.97 -0.05
N LYS B 24 -1.53 -14.28 -0.19
CA LYS B 24 -0.37 -14.75 -0.97
C LYS B 24 -0.88 -15.62 -2.11
N ALA B 25 -0.59 -15.23 -3.37
CA ALA B 25 -1.02 -15.97 -4.56
C ALA B 25 0.06 -16.99 -5.00
N SER B 26 -0.32 -18.17 -5.53
CA SER B 26 0.63 -19.23 -5.98
C SER B 26 1.42 -18.82 -7.24
N GLN B 27 0.90 -17.84 -7.97
CA GLN B 27 1.51 -17.29 -9.18
C GLN B 27 0.93 -15.89 -9.36
N SER B 28 1.66 -15.02 -10.07
CA SER B 28 1.30 -13.62 -10.29
C SER B 28 -0.11 -13.43 -10.89
N VAL B 29 -0.87 -12.48 -10.30
CA VAL B 29 -2.22 -12.12 -10.71
C VAL B 29 -2.23 -10.78 -11.55
N ASP B 30 -1.02 -10.23 -11.79
CA ASP B 30 -0.79 -9.03 -12.59
C ASP B 30 -0.71 -9.33 -14.06
N TYR B 31 -1.26 -8.43 -14.86
CA TYR B 31 -1.22 -8.47 -16.31
C TYR B 31 -1.11 -7.04 -16.83
N GLY B 32 -0.61 -6.91 -18.06
CA GLY B 32 -0.51 -5.64 -18.76
C GLY B 32 0.73 -4.82 -18.49
N GLY B 33 0.60 -3.53 -18.73
CA GLY B 33 1.69 -2.59 -18.56
C GLY B 33 2.53 -2.50 -19.81
N GLY B 34 3.55 -1.65 -19.76
CA GLY B 34 4.46 -1.39 -20.86
C GLY B 34 3.78 -0.86 -22.12
N ASN B 35 4.38 -1.14 -23.29
CA ASN B 35 3.86 -0.73 -24.59
C ASN B 35 2.78 -1.70 -25.12
N HIS B 37 -0.73 -1.33 -25.60
CA HIS B 37 -1.99 -0.58 -25.42
C HIS B 37 -3.18 -1.19 -26.17
N LEU B 38 -4.40 -0.85 -25.72
CA LEU B 38 -5.67 -1.25 -26.31
C LEU B 38 -6.65 -0.09 -26.13
N ARG B 39 -6.79 0.72 -27.19
CA ARG B 39 -7.62 1.92 -27.22
C ARG B 39 -8.77 1.63 -28.17
N PRO B 40 -9.92 1.12 -27.64
CA PRO B 40 -11.05 0.78 -28.52
C PRO B 40 -11.50 1.93 -29.41
N ARG B 41 -11.58 3.17 -28.86
CA ARG B 41 -11.95 4.34 -29.64
C ARG B 41 -11.12 4.53 -30.89
N ASP B 42 -9.77 4.61 -30.75
CA ASP B 42 -8.82 4.85 -31.85
C ASP B 42 -8.78 3.74 -32.90
N LEU B 43 -8.67 2.48 -32.45
CA LEU B 43 -8.59 1.30 -33.29
C LEU B 43 -9.82 1.14 -34.19
N ILE B 44 -11.03 1.28 -33.61
CA ILE B 44 -12.34 1.20 -34.28
C ILE B 44 -12.48 2.37 -35.28
N SER B 45 -12.23 3.62 -34.83
CA SER B 45 -12.28 4.84 -35.67
C SER B 45 -11.37 4.76 -36.90
N ASN B 46 -10.22 4.06 -36.77
CA ASN B 46 -9.31 3.83 -37.88
C ASN B 46 -9.87 2.80 -38.88
N ILE B 47 -10.42 1.66 -38.38
CA ILE B 47 -11.03 0.60 -39.19
C ILE B 47 -12.27 1.14 -39.95
N ASN B 48 -13.11 1.94 -39.26
CA ASN B 48 -14.32 2.52 -39.85
C ASN B 48 -13.97 3.41 -41.04
N VAL B 49 -12.90 4.22 -40.92
CA VAL B 49 -12.44 5.08 -42.01
C VAL B 49 -12.00 4.22 -43.23
N ILE B 50 -11.13 3.20 -43.03
CA ILE B 50 -10.65 2.31 -44.10
C ILE B 50 -11.82 1.58 -44.84
N VAL B 51 -12.79 1.01 -44.08
CA VAL B 51 -13.95 0.27 -44.63
C VAL B 51 -14.77 1.17 -45.58
N LEU B 52 -15.02 2.45 -45.19
CA LEU B 52 -15.78 3.40 -46.02
C LEU B 52 -15.05 3.77 -47.32
N GLU B 53 -13.72 3.57 -47.36
CA GLU B 53 -12.86 3.84 -48.52
C GLU B 53 -12.82 2.65 -49.49
N LEU B 54 -13.00 1.41 -48.99
CA LEU B 54 -12.89 0.15 -49.76
C LEU B 54 -14.19 -0.39 -50.37
N LYS B 55 -15.31 -0.35 -49.62
CA LYS B 55 -16.59 -0.91 -50.03
C LYS B 55 -17.22 -0.21 -51.24
N MET B 62 -27.75 -3.69 -47.89
CA MET B 62 -28.25 -4.75 -47.01
C MET B 62 -27.22 -5.89 -46.96
N CYS B 63 -26.66 -6.17 -45.78
CA CYS B 63 -25.70 -7.28 -45.62
C CYS B 63 -26.42 -8.60 -45.40
N GLU B 64 -25.93 -9.64 -46.10
CA GLU B 64 -26.41 -11.01 -45.99
C GLU B 64 -25.59 -11.73 -44.92
N TYR B 65 -26.18 -11.89 -43.74
CA TYR B 65 -25.49 -12.56 -42.64
C TYR B 65 -25.77 -14.05 -42.67
N ALA B 66 -24.88 -14.82 -42.04
CA ALA B 66 -25.00 -16.26 -41.87
C ALA B 66 -25.91 -16.56 -40.66
N ASP B 67 -26.42 -17.80 -40.55
CA ASP B 67 -27.30 -18.22 -39.46
C ASP B 67 -26.50 -18.38 -38.16
N GLU B 68 -25.29 -18.95 -38.26
CA GLU B 68 -24.42 -19.21 -37.12
C GLU B 68 -23.59 -17.98 -36.76
N THR B 69 -23.71 -17.54 -35.50
CA THR B 69 -22.92 -16.40 -35.00
C THR B 69 -21.51 -16.93 -34.65
N ALA B 70 -20.58 -16.04 -34.29
CA ALA B 70 -19.22 -16.43 -33.95
C ALA B 70 -18.72 -15.70 -32.70
N THR B 71 -17.60 -16.14 -32.14
CA THR B 71 -16.93 -15.44 -31.05
C THR B 71 -16.09 -14.29 -31.71
N ILE B 72 -15.56 -13.37 -30.90
CA ILE B 72 -14.70 -12.28 -31.33
C ILE B 72 -13.44 -12.77 -32.06
N VAL B 73 -12.88 -13.93 -31.62
CA VAL B 73 -11.67 -14.51 -32.24
C VAL B 73 -12.00 -15.03 -33.64
N GLU B 74 -13.11 -15.78 -33.79
CA GLU B 74 -13.58 -16.33 -35.06
C GLU B 74 -13.95 -15.21 -36.06
N PHE B 75 -14.60 -14.12 -35.55
CA PHE B 75 -15.02 -12.93 -36.29
C PHE B 75 -13.78 -12.22 -36.87
N LEU B 76 -12.81 -11.85 -36.01
CA LEU B 76 -11.58 -11.20 -36.44
C LEU B 76 -10.81 -12.06 -37.47
N ASN B 77 -10.69 -13.39 -37.21
CA ASN B 77 -9.99 -14.37 -38.05
C ASN B 77 -10.56 -14.47 -39.47
N ARG B 78 -11.90 -14.39 -39.60
CA ARG B 78 -12.65 -14.45 -40.85
C ARG B 78 -12.34 -13.22 -41.72
N TRP B 79 -12.29 -12.03 -41.07
CA TRP B 79 -12.00 -10.76 -41.76
C TRP B 79 -10.53 -10.63 -42.15
N ILE B 80 -9.62 -11.37 -41.47
CA ILE B 80 -8.19 -11.44 -41.79
C ILE B 80 -8.05 -12.37 -42.99
N THR B 81 -8.72 -13.55 -42.98
CA THR B 81 -8.73 -14.50 -44.09
C THR B 81 -9.28 -13.82 -45.37
N PHE B 82 -10.36 -12.99 -45.20
CA PHE B 82 -10.99 -12.20 -46.27
C PHE B 82 -9.98 -11.22 -46.85
N SER B 83 -9.29 -10.43 -45.97
CA SER B 83 -8.30 -9.42 -46.35
C SER B 83 -7.13 -10.04 -47.11
N GLN B 84 -6.62 -11.19 -46.63
CA GLN B 84 -5.52 -11.93 -47.27
C GLN B 84 -5.91 -12.53 -48.62
N SER B 85 -7.21 -12.93 -48.75
CA SER B 85 -7.77 -13.54 -49.97
C SER B 85 -7.73 -12.59 -51.16
N ILE B 86 -8.21 -11.34 -50.96
CA ILE B 86 -8.23 -10.30 -52.00
C ILE B 86 -6.81 -9.94 -52.41
N ILE B 87 -5.90 -9.74 -51.44
CA ILE B 87 -4.49 -9.40 -51.66
C ILE B 87 -3.81 -10.44 -52.57
N SER B 88 -4.03 -11.73 -52.28
CA SER B 88 -3.51 -12.90 -53.03
C SER B 88 -3.84 -12.85 -54.53
N THR B 89 -5.00 -12.30 -54.90
CA THR B 89 -5.46 -12.24 -56.29
C THR B 89 -5.36 -10.86 -56.96
N LEU B 90 -5.37 -9.75 -56.18
CA LEU B 90 -5.32 -8.39 -56.71
C LEU B 90 -3.96 -8.02 -57.34
N THR B 91 -3.94 -7.82 -58.66
CA THR B 91 -2.76 -7.46 -59.45
C THR B 91 -2.79 -5.94 -59.78
N PRO B 92 -1.94 -5.09 -59.13
CA PRO B 92 -1.95 -3.65 -59.45
C PRO B 92 -1.53 -3.34 -60.89
N THR B 93 -2.46 -2.76 -61.67
CA THR B 93 -2.22 -2.37 -63.06
C THR B 93 -2.63 -0.91 -63.31
N SER B 94 -3.00 -0.17 -62.23
CA SER B 94 -3.43 1.23 -62.27
C SER B 94 -3.22 1.90 -60.90
N SER B 95 -3.48 3.23 -60.78
CA SER B 95 -3.35 3.97 -59.52
C SER B 95 -4.44 3.55 -58.52
N SER B 96 -5.66 3.26 -59.04
CA SER B 96 -6.82 2.83 -58.24
C SER B 96 -6.67 1.42 -57.68
N THR B 97 -6.01 0.51 -58.43
CA THR B 97 -5.79 -0.89 -58.01
C THR B 97 -4.59 -1.03 -57.06
N LYS B 98 -3.78 0.04 -56.93
CA LYS B 98 -2.62 0.09 -56.03
C LYS B 98 -3.06 0.67 -54.68
N LYS B 99 -3.95 1.69 -54.72
CA LYS B 99 -4.52 2.38 -53.57
C LYS B 99 -5.43 1.42 -52.79
N THR B 100 -6.22 0.58 -53.48
CA THR B 100 -7.08 -0.41 -52.83
C THR B 100 -6.23 -1.52 -52.21
N GLN B 101 -5.07 -1.87 -52.83
CA GLN B 101 -4.15 -2.87 -52.28
C GLN B 101 -3.53 -2.34 -50.98
N LEU B 102 -3.10 -1.06 -50.96
CA LEU B 102 -2.51 -0.41 -49.78
C LEU B 102 -3.52 -0.31 -48.63
N GLN B 103 -4.78 0.03 -48.94
CA GLN B 103 -5.83 0.14 -47.92
C GLN B 103 -6.18 -1.24 -47.32
N LEU B 104 -6.12 -2.29 -48.18
CA LEU B 104 -6.33 -3.70 -47.81
C LEU B 104 -5.24 -4.14 -46.82
N GLU B 105 -4.01 -3.60 -46.97
CA GLU B 105 -2.86 -3.89 -46.10
C GLU B 105 -3.01 -3.20 -44.74
N HIS B 106 -3.54 -1.92 -44.77
CA HIS B 106 -3.81 -1.10 -43.59
C HIS B 106 -4.91 -1.74 -42.75
N LEU B 107 -5.93 -2.35 -43.41
CA LEU B 107 -7.05 -3.06 -42.76
C LEU B 107 -6.56 -4.36 -42.16
N LEU B 108 -5.78 -5.17 -42.92
CA LEU B 108 -5.18 -6.44 -42.49
C LEU B 108 -4.30 -6.27 -41.25
N LEU B 109 -3.47 -5.21 -41.22
CA LEU B 109 -2.60 -4.91 -40.09
C LEU B 109 -3.42 -4.49 -38.87
N ASP B 110 -4.51 -3.71 -39.07
CA ASP B 110 -5.38 -3.24 -37.98
C ASP B 110 -6.21 -4.34 -37.35
N LEU B 111 -6.63 -5.34 -38.16
CA LEU B 111 -7.40 -6.51 -37.67
C LEU B 111 -6.46 -7.44 -36.92
N GLN B 112 -5.25 -7.69 -37.47
CA GLN B 112 -4.23 -8.52 -36.83
C GLN B 112 -3.79 -7.90 -35.51
N MET B 113 -3.63 -6.55 -35.45
CA MET B 113 -3.23 -5.88 -34.20
C MET B 113 -4.34 -5.95 -33.10
N ILE B 114 -5.62 -5.95 -33.50
CA ILE B 114 -6.71 -6.09 -32.51
C ILE B 114 -6.71 -7.54 -32.04
N LEU B 115 -6.58 -8.50 -32.99
CA LEU B 115 -6.54 -9.93 -32.70
C LEU B 115 -5.40 -10.32 -31.75
N ASN B 116 -4.13 -9.99 -32.05
CA ASN B 116 -3.00 -10.35 -31.18
C ASN B 116 -3.08 -9.65 -29.82
N GLY B 117 -3.81 -8.53 -29.79
CA GLY B 117 -4.04 -7.73 -28.60
C GLY B 117 -4.91 -8.40 -27.55
N ILE B 118 -5.84 -9.28 -27.99
CA ILE B 118 -6.80 -9.98 -27.14
C ILE B 118 -6.64 -11.51 -27.13
N ASN B 119 -6.18 -12.11 -28.25
CA ASN B 119 -6.08 -13.56 -28.40
C ASN B 119 -4.72 -14.10 -28.00
N ASN B 120 -4.59 -14.38 -26.71
CA ASN B 120 -3.43 -14.97 -26.04
C ASN B 120 -3.92 -15.50 -24.71
N TYR B 121 -3.33 -16.63 -24.26
CA TYR B 121 -3.70 -17.35 -23.04
C TYR B 121 -3.64 -16.48 -21.77
N LYS B 122 -2.67 -15.56 -21.69
CA LYS B 122 -2.41 -14.64 -20.57
C LYS B 122 -3.58 -13.71 -20.27
N ASN B 123 -4.28 -13.23 -21.32
CA ASN B 123 -5.36 -12.25 -21.25
C ASN B 123 -6.47 -12.69 -20.26
N PRO B 124 -6.58 -11.99 -19.08
CA PRO B 124 -7.59 -12.37 -18.08
C PRO B 124 -9.04 -12.25 -18.54
N LYS B 125 -9.31 -11.42 -19.55
CA LYS B 125 -10.64 -11.15 -20.11
C LYS B 125 -11.06 -12.05 -21.27
N LEU B 126 -10.13 -12.86 -21.84
CA LEU B 126 -10.39 -13.64 -23.06
C LEU B 126 -11.69 -14.47 -23.02
N THR B 127 -11.85 -15.32 -21.99
CA THR B 127 -13.03 -16.19 -21.83
C THR B 127 -14.32 -15.42 -21.71
N ARG B 128 -14.32 -14.28 -21.03
CA ARG B 128 -15.52 -13.45 -20.91
C ARG B 128 -15.79 -12.68 -22.19
N MET B 129 -14.72 -12.29 -22.93
CA MET B 129 -14.85 -11.61 -24.21
C MET B 129 -15.43 -12.58 -25.25
N LEU B 130 -15.09 -13.89 -25.13
CA LEU B 130 -15.59 -14.99 -25.96
C LEU B 130 -17.08 -15.35 -25.75
N THR B 131 -17.73 -14.92 -24.64
CA THR B 131 -19.17 -15.21 -24.47
C THR B 131 -20.04 -14.38 -25.43
N PHE B 132 -19.49 -13.24 -25.92
CA PHE B 132 -20.16 -12.32 -26.84
C PHE B 132 -20.36 -12.90 -28.22
N LYS B 133 -21.52 -12.61 -28.84
CA LYS B 133 -21.84 -13.14 -30.17
C LYS B 133 -21.66 -12.08 -31.26
N PHE B 134 -20.99 -12.48 -32.37
CA PHE B 134 -20.75 -11.62 -33.53
C PHE B 134 -21.41 -12.21 -34.76
N TYR B 135 -21.98 -11.35 -35.60
CA TYR B 135 -22.65 -11.80 -36.82
C TYR B 135 -21.64 -11.92 -37.96
N MET B 136 -21.71 -13.04 -38.68
CA MET B 136 -20.78 -13.38 -39.77
C MET B 136 -21.38 -13.17 -41.16
N PRO B 137 -20.58 -12.82 -42.19
CA PRO B 137 -21.16 -12.67 -43.54
C PRO B 137 -21.43 -14.05 -44.18
N LYS B 138 -22.57 -14.17 -44.90
CA LYS B 138 -22.98 -15.40 -45.60
C LYS B 138 -21.90 -15.76 -46.63
N LYS B 139 -21.35 -14.73 -47.30
CA LYS B 139 -20.30 -14.79 -48.30
C LYS B 139 -19.44 -13.53 -48.14
N ALA B 140 -18.11 -13.70 -48.17
CA ALA B 140 -17.15 -12.61 -48.09
C ALA B 140 -16.03 -12.87 -49.11
N THR B 141 -16.27 -12.47 -50.38
CA THR B 141 -15.33 -12.66 -51.50
C THR B 141 -15.03 -11.37 -52.31
N GLU B 142 -15.83 -10.30 -52.10
CA GLU B 142 -15.68 -9.01 -52.81
C GLU B 142 -15.65 -7.84 -51.81
N LEU B 143 -15.15 -6.65 -52.25
CA LEU B 143 -15.02 -5.42 -51.45
C LEU B 143 -16.34 -4.91 -50.82
N LYS B 144 -17.47 -5.11 -51.52
CA LYS B 144 -18.83 -4.75 -51.06
C LYS B 144 -19.21 -5.41 -49.73
N HIS B 145 -18.71 -6.64 -49.50
CA HIS B 145 -19.00 -7.43 -48.29
C HIS B 145 -18.43 -6.80 -47.01
N LEU B 146 -17.57 -5.77 -47.11
CA LEU B 146 -17.02 -5.05 -45.95
C LEU B 146 -18.09 -4.30 -45.12
N GLN B 147 -19.29 -4.06 -45.72
CA GLN B 147 -20.45 -3.44 -45.08
C GLN B 147 -20.88 -4.31 -43.87
N CYS B 148 -20.64 -5.64 -43.95
CA CYS B 148 -20.93 -6.60 -42.89
C CYS B 148 -20.02 -6.37 -41.70
N LEU B 149 -18.75 -5.97 -41.96
CA LEU B 149 -17.75 -5.67 -40.92
C LEU B 149 -18.11 -4.35 -40.22
N GLU B 150 -18.47 -3.31 -41.01
CA GLU B 150 -18.86 -1.97 -40.55
C GLU B 150 -19.99 -2.01 -39.54
N GLU B 151 -21.06 -2.76 -39.85
CA GLU B 151 -22.22 -2.91 -38.97
C GLU B 151 -21.90 -3.57 -37.64
N GLU B 152 -20.86 -4.43 -37.61
CA GLU B 152 -20.43 -5.15 -36.41
C GLU B 152 -19.29 -4.47 -35.64
N LEU B 153 -18.97 -3.19 -35.99
CA LEU B 153 -17.92 -2.39 -35.32
C LEU B 153 -18.31 -1.85 -33.95
N LYS B 154 -19.60 -1.47 -33.77
CA LYS B 154 -20.13 -0.99 -32.49
C LYS B 154 -20.10 -2.11 -31.44
N PRO B 155 -20.59 -3.35 -31.72
CA PRO B 155 -20.46 -4.43 -30.72
C PRO B 155 -18.98 -4.78 -30.45
N LEU B 156 -18.10 -4.61 -31.49
CA LEU B 156 -16.65 -4.85 -31.37
C LEU B 156 -16.03 -3.91 -30.34
N GLU B 157 -16.35 -2.58 -30.40
CA GLU B 157 -15.85 -1.56 -29.45
C GLU B 157 -16.30 -1.87 -28.00
N GLU B 158 -17.55 -2.35 -27.83
CA GLU B 158 -18.12 -2.70 -26.52
C GLU B 158 -17.39 -3.86 -25.89
N VAL B 159 -16.91 -4.81 -26.72
CA VAL B 159 -16.14 -5.96 -26.22
C VAL B 159 -14.72 -5.51 -25.91
N LEU B 160 -14.13 -4.65 -26.79
CA LEU B 160 -12.77 -4.16 -26.57
C LEU B 160 -12.65 -3.28 -25.32
N ASN B 161 -13.78 -2.67 -24.84
CA ASN B 161 -13.82 -1.85 -23.62
C ASN B 161 -13.47 -2.70 -22.38
N LEU B 162 -13.61 -4.04 -22.48
CA LEU B 162 -13.29 -4.93 -21.40
C LEU B 162 -11.78 -5.16 -21.34
N ALA B 163 -11.09 -5.02 -22.48
CA ALA B 163 -9.64 -5.19 -22.50
C ALA B 163 -8.93 -3.84 -22.70
N GLN B 164 -9.62 -2.71 -22.40
CA GLN B 164 -9.09 -1.34 -22.50
C GLN B 164 -7.87 -1.14 -21.58
N SER B 165 -6.74 -0.75 -22.18
CA SER B 165 -5.53 -0.47 -21.43
C SER B 165 -4.72 0.66 -22.05
N LYS B 166 -4.59 1.74 -21.27
CA LYS B 166 -3.83 2.94 -21.59
C LYS B 166 -2.93 3.20 -20.39
N GLY B 167 -1.63 3.17 -20.62
CA GLY B 167 -0.65 3.38 -19.56
C GLY B 167 0.27 2.19 -19.36
N GLY B 168 1.52 2.49 -19.03
CA GLY B 168 2.57 1.52 -18.81
C GLY B 168 2.57 0.80 -17.48
N GLY B 169 1.91 1.37 -16.48
CA GLY B 169 1.77 0.77 -15.16
C GLY B 169 0.87 -0.46 -15.21
N GLY B 170 1.29 -1.52 -14.53
CA GLY B 170 0.55 -2.78 -14.52
C GLY B 170 -0.69 -2.78 -13.64
N ASP B 171 -1.60 -3.75 -13.89
CA ASP B 171 -2.80 -3.89 -13.08
C ASP B 171 -2.76 -5.18 -12.30
N SER B 172 -3.24 -5.13 -11.06
CA SER B 172 -3.34 -6.30 -10.18
C SER B 172 -4.77 -6.78 -10.17
N TYR B 173 -4.99 -8.00 -10.71
CA TYR B 173 -6.35 -8.60 -10.79
C TYR B 173 -6.64 -9.36 -9.52
N MET B 174 -6.93 -8.57 -8.47
CA MET B 174 -7.11 -9.03 -7.10
C MET B 174 -8.10 -8.09 -6.39
N ASN B 175 -9.11 -8.69 -5.71
CA ASN B 175 -10.14 -7.96 -4.98
C ASN B 175 -10.33 -8.42 -3.55
N TRP B 176 -10.84 -7.53 -2.68
CA TRP B 176 -11.13 -7.84 -1.28
C TRP B 176 -12.63 -7.72 -0.97
N TYR B 177 -13.19 -8.73 -0.26
CA TYR B 177 -14.59 -8.77 0.13
C TYR B 177 -14.74 -8.92 1.62
N GLN B 178 -15.82 -8.36 2.16
CA GLN B 178 -16.19 -8.45 3.56
C GLN B 178 -17.48 -9.28 3.67
N GLN B 179 -17.49 -10.24 4.60
CA GLN B 179 -18.65 -11.08 4.82
C GLN B 179 -18.94 -11.22 6.29
N LYS B 180 -20.18 -10.95 6.66
CA LYS B 180 -20.71 -11.10 8.02
C LYS B 180 -21.59 -12.35 8.07
N PRO B 181 -21.75 -13.00 9.26
CA PRO B 181 -22.53 -14.25 9.31
C PRO B 181 -23.95 -14.16 8.74
N GLY B 182 -24.25 -15.10 7.85
CA GLY B 182 -25.52 -15.21 7.15
C GLY B 182 -25.70 -14.29 5.95
N LYS B 183 -24.87 -13.25 5.85
CA LYS B 183 -24.90 -12.23 4.80
C LYS B 183 -23.96 -12.53 3.61
N ALA B 184 -24.28 -11.99 2.44
CA ALA B 184 -23.50 -12.14 1.21
C ALA B 184 -22.17 -11.36 1.31
N PRO B 185 -21.10 -11.77 0.58
CA PRO B 185 -19.86 -10.97 0.59
C PRO B 185 -20.14 -9.58 0.01
N LYS B 186 -19.40 -8.56 0.48
CA LYS B 186 -19.50 -7.16 0.09
C LYS B 186 -18.14 -6.64 -0.32
N LEU B 187 -18.05 -6.19 -1.56
CA LEU B 187 -16.84 -5.63 -2.10
C LEU B 187 -16.34 -4.41 -1.32
N LEU B 188 -15.08 -4.45 -0.90
CA LEU B 188 -14.45 -3.32 -0.20
C LEU B 188 -13.44 -2.64 -1.10
N ILE B 189 -12.57 -3.44 -1.75
CA ILE B 189 -11.44 -2.99 -2.58
C ILE B 189 -11.34 -3.79 -3.87
N TYR B 190 -11.21 -3.11 -4.97
CA TYR B 190 -11.01 -3.75 -6.27
C TYR B 190 -9.65 -3.39 -6.80
N ALA B 191 -9.09 -4.29 -7.63
CA ALA B 191 -7.79 -4.10 -8.29
C ALA B 191 -6.69 -3.67 -7.29
N ALA B 192 -6.57 -4.45 -6.19
CA ALA B 192 -5.58 -4.32 -5.09
C ALA B 192 -5.68 -3.07 -4.22
N SER B 193 -5.97 -1.88 -4.78
CA SER B 193 -5.89 -0.63 -4.02
C SER B 193 -7.07 0.35 -4.10
N ASN B 194 -8.09 0.07 -4.93
CA ASN B 194 -9.20 1.02 -5.11
C ASN B 194 -10.35 0.81 -4.15
N LEU B 195 -10.63 1.81 -3.31
CA LEU B 195 -11.71 1.81 -2.35
C LEU B 195 -13.04 1.90 -3.09
N GLU B 196 -13.99 1.04 -2.71
CA GLU B 196 -15.32 1.00 -3.30
C GLU B 196 -16.13 2.19 -2.78
N SER B 197 -17.00 2.78 -3.64
CA SER B 197 -17.89 3.87 -3.25
C SER B 197 -18.65 3.49 -1.93
N GLY B 198 -18.68 4.43 -0.98
CA GLY B 198 -19.34 4.24 0.31
C GLY B 198 -18.53 3.56 1.39
N VAL B 199 -17.39 2.93 1.03
CA VAL B 199 -16.54 2.23 2.00
C VAL B 199 -15.75 3.25 2.86
N PRO B 200 -15.84 3.19 4.23
CA PRO B 200 -15.10 4.13 5.08
C PRO B 200 -13.60 4.23 4.73
N SER B 201 -13.06 5.43 4.82
CA SER B 201 -11.68 5.70 4.44
C SER B 201 -10.62 4.98 5.30
N ARG B 202 -11.04 4.32 6.42
CA ARG B 202 -10.15 3.55 7.28
C ARG B 202 -9.64 2.26 6.59
N PHE B 203 -10.30 1.83 5.50
CA PHE B 203 -9.92 0.65 4.72
C PHE B 203 -9.00 1.03 3.55
N SER B 204 -7.92 0.28 3.38
CA SER B 204 -6.96 0.46 2.29
C SER B 204 -6.35 -0.88 1.89
N GLY B 205 -5.85 -0.95 0.67
CA GLY B 205 -5.18 -2.13 0.12
C GLY B 205 -3.96 -1.73 -0.68
N SER B 206 -2.95 -2.61 -0.73
CA SER B 206 -1.75 -2.44 -1.53
C SER B 206 -1.16 -3.78 -1.89
N GLY B 207 -0.23 -3.78 -2.85
CA GLY B 207 0.43 -5.00 -3.28
C GLY B 207 0.59 -5.15 -4.77
N SER B 208 1.33 -6.19 -5.17
CA SER B 208 1.63 -6.48 -6.58
C SER B 208 2.08 -7.94 -6.71
N GLY B 209 1.96 -8.47 -7.93
CA GLY B 209 2.38 -9.81 -8.30
C GLY B 209 1.66 -10.91 -7.54
N THR B 210 2.31 -11.37 -6.43
CA THR B 210 1.78 -12.42 -5.57
C THR B 210 1.45 -11.97 -4.13
N ASP B 211 1.90 -10.77 -3.71
CA ASP B 211 1.70 -10.34 -2.31
C ASP B 211 0.76 -9.18 -2.21
N PHE B 212 -0.39 -9.38 -1.53
CA PHE B 212 -1.44 -8.38 -1.37
C PHE B 212 -1.80 -8.22 0.08
N THR B 213 -2.32 -7.04 0.43
CA THR B 213 -2.62 -6.72 1.82
C THR B 213 -3.81 -5.79 1.95
N LEU B 214 -4.54 -5.89 3.07
CA LEU B 214 -5.72 -5.11 3.42
C LEU B 214 -5.49 -4.53 4.81
N THR B 215 -5.66 -3.22 4.96
CA THR B 215 -5.41 -2.52 6.23
C THR B 215 -6.65 -1.77 6.75
N ILE B 216 -6.89 -1.84 8.07
CA ILE B 216 -7.95 -1.07 8.74
C ILE B 216 -7.20 -0.23 9.75
N SER B 217 -7.12 1.09 9.52
CA SER B 217 -6.36 2.03 10.35
C SER B 217 -6.80 2.09 11.82
N SER B 218 -8.10 2.11 12.09
CA SER B 218 -8.65 2.12 13.45
C SER B 218 -9.96 1.36 13.39
N LEU B 219 -9.90 0.13 13.91
CA LEU B 219 -11.01 -0.82 13.95
C LEU B 219 -12.21 -0.28 14.71
N GLN B 220 -13.41 -0.45 14.12
CA GLN B 220 -14.70 -0.05 14.70
C GLN B 220 -15.56 -1.30 14.86
N SER B 221 -16.69 -1.20 15.60
CA SER B 221 -17.62 -2.29 15.90
C SER B 221 -18.13 -3.03 14.68
N GLU B 222 -18.42 -2.30 13.59
CA GLU B 222 -18.96 -2.85 12.36
C GLU B 222 -17.93 -3.59 11.50
N ASP B 223 -16.64 -3.55 11.89
CA ASP B 223 -15.55 -4.15 11.12
C ASP B 223 -15.25 -5.63 11.47
N PHE B 224 -15.83 -6.14 12.56
CA PHE B 224 -15.62 -7.54 12.91
C PHE B 224 -16.44 -8.38 11.95
N ALA B 225 -15.72 -9.17 11.14
CA ALA B 225 -16.26 -9.97 10.04
C ALA B 225 -15.11 -10.82 9.48
N THR B 226 -15.40 -11.56 8.40
CA THR B 226 -14.44 -12.36 7.62
C THR B 226 -14.14 -11.61 6.34
N TYR B 227 -12.86 -11.57 5.97
CA TYR B 227 -12.36 -10.89 4.79
C TYR B 227 -11.78 -11.89 3.85
N TYR B 228 -12.18 -11.80 2.57
CA TYR B 228 -11.72 -12.68 1.52
C TYR B 228 -10.96 -11.94 0.47
N CYS B 229 -9.85 -12.53 0.03
CA CYS B 229 -9.15 -12.01 -1.15
C CYS B 229 -9.67 -12.85 -2.35
N GLN B 230 -9.57 -12.32 -3.57
CA GLN B 230 -10.12 -12.98 -4.76
C GLN B 230 -9.31 -12.59 -6.00
N GLN B 231 -8.87 -13.59 -6.78
CA GLN B 231 -8.12 -13.30 -7.99
C GLN B 231 -8.97 -13.42 -9.23
N SER B 232 -8.70 -12.54 -10.20
CA SER B 232 -9.43 -12.43 -11.46
C SER B 232 -8.49 -12.57 -12.65
N ASN B 233 -7.27 -13.11 -12.43
CA ASN B 233 -6.29 -13.19 -13.50
C ASN B 233 -6.45 -14.41 -14.43
N GLU B 234 -6.81 -15.56 -13.87
CA GLU B 234 -6.89 -16.80 -14.63
C GLU B 234 -8.15 -17.56 -14.24
N ASP B 235 -8.78 -18.21 -15.23
CA ASP B 235 -9.95 -19.03 -14.98
C ASP B 235 -9.49 -20.38 -14.49
N PRO B 236 -10.21 -20.93 -13.48
CA PRO B 236 -11.38 -20.34 -12.82
C PRO B 236 -11.00 -19.28 -11.77
N TYR B 237 -11.84 -18.23 -11.58
CA TYR B 237 -11.59 -17.24 -10.50
C TYR B 237 -11.51 -18.02 -9.15
N THR B 238 -10.62 -17.61 -8.25
CA THR B 238 -10.49 -18.29 -6.96
C THR B 238 -10.48 -17.28 -5.83
N PHE B 239 -10.81 -17.76 -4.64
CA PHE B 239 -10.88 -16.98 -3.41
C PHE B 239 -9.89 -17.51 -2.40
N GLY B 240 -9.48 -16.66 -1.47
CA GLY B 240 -8.67 -17.09 -0.34
C GLY B 240 -9.58 -17.76 0.69
N GLY B 241 -8.99 -18.47 1.64
CA GLY B 241 -9.75 -19.16 2.70
C GLY B 241 -10.40 -18.24 3.71
N GLY B 242 -10.12 -16.94 3.63
CA GLY B 242 -10.66 -15.95 4.54
C GLY B 242 -9.90 -15.71 5.83
N THR B 243 -9.98 -14.48 6.34
CA THR B 243 -9.42 -14.07 7.63
C THR B 243 -10.57 -13.52 8.48
N LYS B 244 -10.85 -14.17 9.61
CA LYS B 244 -11.94 -13.76 10.51
C LYS B 244 -11.35 -12.85 11.58
N VAL B 245 -11.86 -11.60 11.64
CA VAL B 245 -11.46 -10.60 12.61
C VAL B 245 -12.49 -10.68 13.77
N GLU B 246 -12.06 -11.27 14.87
CA GLU B 246 -12.78 -11.54 16.12
C GLU B 246 -12.57 -10.38 17.11
N ILE B 247 -13.53 -10.13 18.03
CA ILE B 247 -13.34 -9.04 18.99
C ILE B 247 -12.62 -9.58 20.22
N LYS B 248 -11.50 -8.94 20.56
CA LYS B 248 -10.71 -9.25 21.73
C LYS B 248 -11.45 -8.69 22.95
N ARG B 249 -11.39 -9.41 24.07
CA ARG B 249 -11.93 -9.02 25.37
C ARG B 249 -11.13 -9.69 26.48
N THR B 250 -11.42 -9.34 27.74
CA THR B 250 -10.73 -9.93 28.90
C THR B 250 -11.14 -11.41 29.02
N VAL B 251 -10.20 -12.26 29.48
CA VAL B 251 -10.42 -13.69 29.66
C VAL B 251 -11.60 -13.89 30.63
N ALA B 252 -12.53 -14.78 30.25
CA ALA B 252 -13.72 -15.09 31.03
C ALA B 252 -13.86 -16.61 31.11
N ALA B 253 -13.82 -17.18 32.33
CA ALA B 253 -13.94 -18.62 32.53
C ALA B 253 -15.41 -18.99 32.33
N PRO B 254 -15.73 -20.19 31.80
CA PRO B 254 -17.15 -20.53 31.61
C PRO B 254 -17.87 -20.89 32.91
N SER B 255 -19.20 -20.69 32.93
CA SER B 255 -20.05 -21.11 34.02
C SER B 255 -20.52 -22.46 33.47
N VAL B 256 -20.05 -23.58 34.09
CA VAL B 256 -20.34 -24.94 33.63
C VAL B 256 -21.61 -25.51 34.31
N PHE B 257 -22.48 -26.15 33.55
CA PHE B 257 -23.71 -26.75 34.08
C PHE B 257 -23.89 -28.11 33.45
N ILE B 258 -24.37 -29.11 34.21
CA ILE B 258 -24.64 -30.44 33.64
C ILE B 258 -26.15 -30.78 33.78
N PHE B 259 -26.71 -31.40 32.76
CA PHE B 259 -28.11 -31.81 32.71
C PHE B 259 -28.26 -33.32 32.51
N PRO B 260 -28.93 -34.04 33.43
CA PRO B 260 -29.14 -35.49 33.20
C PRO B 260 -30.22 -35.67 32.11
N PRO B 261 -30.37 -36.85 31.51
CA PRO B 261 -31.46 -37.01 30.54
C PRO B 261 -32.82 -36.91 31.26
N SER B 262 -33.87 -36.43 30.58
CA SER B 262 -35.21 -36.41 31.13
C SER B 262 -35.74 -37.85 31.24
N ASP B 263 -36.73 -38.05 32.10
CA ASP B 263 -37.36 -39.35 32.26
C ASP B 263 -38.10 -39.72 30.99
N GLU B 264 -38.74 -38.72 30.35
CA GLU B 264 -39.48 -38.80 29.09
C GLU B 264 -38.59 -39.44 28.02
N GLN B 265 -37.36 -38.91 27.87
CA GLN B 265 -36.39 -39.44 26.91
C GLN B 265 -35.91 -40.82 27.29
N LEU B 266 -35.55 -41.02 28.56
CA LEU B 266 -35.08 -42.32 29.04
C LEU B 266 -36.09 -43.41 28.77
N LYS B 267 -37.39 -43.11 29.00
CA LYS B 267 -38.53 -44.02 28.73
C LYS B 267 -38.54 -44.52 27.28
N SER B 268 -38.03 -43.70 26.34
CA SER B 268 -37.98 -44.01 24.91
C SER B 268 -36.73 -44.79 24.47
N GLY B 269 -35.83 -45.11 25.42
CA GLY B 269 -34.63 -45.90 25.16
C GLY B 269 -33.35 -45.16 24.83
N THR B 270 -33.32 -43.82 24.95
CA THR B 270 -32.13 -43.02 24.66
C THR B 270 -31.89 -42.11 25.86
N ALA B 271 -30.61 -41.81 26.13
CA ALA B 271 -30.17 -40.91 27.17
C ALA B 271 -29.18 -39.91 26.55
N SER B 272 -29.60 -38.64 26.44
CA SER B 272 -28.77 -37.52 26.02
C SER B 272 -28.40 -36.80 27.30
N VAL B 273 -27.10 -36.61 27.56
CA VAL B 273 -26.57 -35.93 28.75
C VAL B 273 -25.92 -34.66 28.22
N VAL B 274 -26.31 -33.49 28.76
CA VAL B 274 -25.83 -32.21 28.24
C VAL B 274 -24.96 -31.45 29.24
N CYS B 275 -23.78 -31.00 28.77
CA CYS B 275 -22.84 -30.14 29.51
C CYS B 275 -22.92 -28.77 28.80
N LEU B 276 -23.14 -27.70 29.58
CA LEU B 276 -23.21 -26.33 29.07
C LEU B 276 -22.02 -25.54 29.61
N LEU B 277 -21.32 -24.80 28.74
CA LEU B 277 -20.20 -23.90 29.07
C LEU B 277 -20.78 -22.54 28.69
N ASN B 278 -21.04 -21.68 29.66
CA ASN B 278 -21.74 -20.42 29.41
C ASN B 278 -20.89 -19.19 29.60
N ASN B 279 -20.98 -18.27 28.63
CA ASN B 279 -20.35 -16.94 28.57
C ASN B 279 -18.85 -16.97 28.89
N PHE B 280 -18.05 -17.59 28.01
CA PHE B 280 -16.59 -17.66 28.16
C PHE B 280 -15.86 -16.97 27.02
N TYR B 281 -14.59 -16.63 27.24
CA TYR B 281 -13.67 -16.05 26.27
C TYR B 281 -12.23 -16.39 26.73
N PRO B 282 -11.32 -16.88 25.84
CA PRO B 282 -11.47 -17.10 24.38
C PRO B 282 -12.34 -18.30 24.01
N ARG B 283 -12.55 -18.52 22.69
CA ARG B 283 -13.36 -19.63 22.15
C ARG B 283 -12.79 -21.04 22.50
N GLU B 284 -11.45 -21.17 22.60
CA GLU B 284 -10.75 -22.43 22.88
C GLU B 284 -11.17 -23.04 24.21
N ALA B 285 -11.78 -24.23 24.16
CA ALA B 285 -12.25 -24.97 25.33
C ALA B 285 -12.30 -26.45 25.05
N LYS B 286 -11.82 -27.25 25.98
CA LYS B 286 -11.80 -28.70 25.86
C LYS B 286 -12.83 -29.28 26.81
N VAL B 287 -13.74 -30.09 26.26
CA VAL B 287 -14.78 -30.74 27.05
C VAL B 287 -14.55 -32.24 26.95
N GLN B 288 -14.43 -32.91 28.10
CA GLN B 288 -14.24 -34.35 28.12
C GLN B 288 -15.32 -35.03 28.95
N TRP B 289 -15.92 -36.08 28.40
CA TRP B 289 -16.94 -36.80 29.14
C TRP B 289 -16.35 -38.00 29.91
N LYS B 290 -16.69 -38.12 31.20
CA LYS B 290 -16.23 -39.22 32.02
C LYS B 290 -17.43 -39.92 32.65
N VAL B 291 -17.46 -41.24 32.54
CA VAL B 291 -18.55 -42.06 33.07
C VAL B 291 -17.88 -43.06 34.00
N ASP B 292 -18.07 -42.87 35.34
CA ASP B 292 -17.40 -43.62 36.43
C ASP B 292 -15.88 -43.47 36.31
N ASN B 293 -15.43 -42.23 36.00
CA ASN B 293 -14.02 -41.79 35.83
C ASN B 293 -13.34 -42.35 34.55
N ALA B 294 -14.11 -42.98 33.65
CA ALA B 294 -13.60 -43.54 32.40
C ALA B 294 -13.91 -42.57 31.26
N LEU B 295 -12.86 -42.13 30.55
CA LEU B 295 -12.96 -41.19 29.44
C LEU B 295 -13.76 -41.76 28.27
N GLN B 296 -14.82 -41.04 27.90
CA GLN B 296 -15.71 -41.37 26.78
C GLN B 296 -15.19 -40.76 25.48
N SER B 297 -15.37 -41.50 24.38
CA SER B 297 -14.95 -41.05 23.04
C SER B 297 -15.97 -41.48 21.98
N GLY B 298 -16.21 -40.60 21.01
CA GLY B 298 -17.05 -40.84 19.84
C GLY B 298 -18.56 -40.97 20.01
N ASN B 299 -19.09 -40.59 21.17
CA ASN B 299 -20.53 -40.61 21.42
C ASN B 299 -20.99 -39.23 21.84
N SER B 300 -20.14 -38.23 21.57
CA SER B 300 -20.46 -36.83 21.91
C SER B 300 -20.34 -35.89 20.72
N GLN B 301 -21.18 -34.84 20.71
CA GLN B 301 -21.21 -33.78 19.71
C GLN B 301 -21.27 -32.43 20.45
N GLU B 302 -20.60 -31.42 19.89
CA GLU B 302 -20.50 -30.07 20.42
C GLU B 302 -21.14 -29.08 19.45
N SER B 303 -21.54 -27.94 19.98
CA SER B 303 -22.12 -26.84 19.23
C SER B 303 -21.71 -25.59 19.99
N VAL B 304 -21.29 -24.55 19.26
CA VAL B 304 -20.81 -23.30 19.83
C VAL B 304 -21.54 -22.13 19.18
N THR B 305 -21.92 -21.10 19.99
CA THR B 305 -22.63 -19.91 19.50
C THR B 305 -21.60 -18.97 18.85
N GLU B 306 -22.07 -17.93 18.12
CA GLU B 306 -21.14 -16.94 17.58
C GLU B 306 -20.88 -15.96 18.71
N GLN B 307 -19.89 -15.09 18.56
CA GLN B 307 -19.56 -14.14 19.59
C GLN B 307 -20.73 -13.24 19.96
N ASP B 308 -20.97 -13.08 21.27
CA ASP B 308 -22.07 -12.24 21.74
C ASP B 308 -21.89 -10.80 21.28
N SER B 309 -22.98 -10.20 20.75
CA SER B 309 -23.03 -8.84 20.22
C SER B 309 -22.57 -7.76 21.21
N LYS B 310 -22.87 -7.93 22.51
CA LYS B 310 -22.48 -6.97 23.54
C LYS B 310 -21.40 -7.50 24.51
N ASP B 311 -21.59 -8.71 25.05
CA ASP B 311 -20.71 -9.41 26.00
C ASP B 311 -19.37 -9.85 25.37
N SER B 312 -19.40 -10.21 24.05
CA SER B 312 -18.28 -10.73 23.24
C SER B 312 -17.81 -12.10 23.74
N THR B 313 -18.72 -12.83 24.40
CA THR B 313 -18.46 -14.15 24.93
C THR B 313 -19.04 -15.21 24.00
N TYR B 314 -18.66 -16.46 24.27
CA TYR B 314 -19.16 -17.65 23.58
C TYR B 314 -19.85 -18.53 24.59
N SER B 315 -20.72 -19.40 24.11
CA SER B 315 -21.31 -20.45 24.93
C SER B 315 -21.19 -21.73 24.10
N LEU B 316 -21.05 -22.87 24.77
CA LEU B 316 -20.89 -24.18 24.13
C LEU B 316 -21.77 -25.21 24.82
N SER B 317 -22.37 -26.09 24.02
CA SER B 317 -23.13 -27.23 24.52
C SER B 317 -22.39 -28.46 24.07
N SER B 318 -22.29 -29.48 24.92
CA SER B 318 -21.71 -30.77 24.58
C SER B 318 -22.74 -31.82 24.96
N THR B 319 -23.10 -32.68 23.98
CA THR B 319 -24.11 -33.71 24.19
C THR B 319 -23.54 -35.10 24.07
N LEU B 320 -23.62 -35.87 25.17
CA LEU B 320 -23.21 -37.27 25.19
C LEU B 320 -24.49 -38.08 24.96
N THR B 321 -24.50 -38.95 23.94
CA THR B 321 -25.68 -39.77 23.67
C THR B 321 -25.40 -41.25 23.96
N LEU B 322 -26.27 -41.85 24.77
CA LEU B 322 -26.16 -43.26 25.11
C LEU B 322 -27.51 -43.94 25.01
N SER B 323 -27.51 -45.28 24.91
CA SER B 323 -28.77 -46.00 24.93
C SER B 323 -29.17 -46.06 26.42
N LYS B 324 -30.48 -46.23 26.70
CA LYS B 324 -31.01 -46.35 28.08
C LYS B 324 -30.18 -47.39 28.84
N ALA B 325 -29.91 -48.56 28.19
CA ALA B 325 -29.15 -49.68 28.76
C ALA B 325 -27.72 -49.33 29.16
N ASP B 326 -26.97 -48.66 28.27
CA ASP B 326 -25.58 -48.23 28.53
C ASP B 326 -25.53 -47.20 29.64
N TYR B 327 -26.55 -46.30 29.66
CA TYR B 327 -26.72 -45.26 30.68
C TYR B 327 -26.94 -45.87 32.09
N GLU B 328 -27.76 -46.93 32.17
CA GLU B 328 -28.11 -47.58 33.45
C GLU B 328 -27.01 -48.51 33.98
N LYS B 329 -25.95 -48.76 33.17
CA LYS B 329 -24.79 -49.57 33.57
C LYS B 329 -23.85 -48.72 34.45
N HIS B 330 -24.00 -47.36 34.46
CA HIS B 330 -23.09 -46.51 35.21
C HIS B 330 -23.78 -45.54 36.17
N LYS B 331 -23.02 -45.02 37.14
CA LYS B 331 -23.52 -44.14 38.19
C LYS B 331 -23.11 -42.67 38.01
N VAL B 332 -21.80 -42.37 38.02
CA VAL B 332 -21.26 -41.02 37.94
C VAL B 332 -21.07 -40.55 36.50
N TYR B 333 -21.71 -39.41 36.16
CA TYR B 333 -21.64 -38.74 34.86
C TYR B 333 -21.00 -37.40 35.04
N ALA B 334 -19.85 -37.21 34.39
CA ALA B 334 -19.08 -35.99 34.55
C ALA B 334 -18.63 -35.39 33.24
N CYS B 335 -18.56 -34.04 33.19
CA CYS B 335 -17.96 -33.34 32.06
C CYS B 335 -16.83 -32.46 32.59
N GLU B 336 -15.61 -32.77 32.14
CA GLU B 336 -14.39 -32.08 32.56
C GLU B 336 -14.05 -31.00 31.54
N VAL B 337 -14.07 -29.74 31.99
CA VAL B 337 -13.87 -28.54 31.20
C VAL B 337 -12.48 -27.90 31.40
N THR B 338 -11.74 -27.75 30.29
CA THR B 338 -10.43 -27.11 30.26
C THR B 338 -10.59 -25.79 29.51
N HIS B 339 -10.16 -24.70 30.12
CA HIS B 339 -10.24 -23.36 29.56
C HIS B 339 -9.17 -22.47 30.20
N GLN B 340 -8.65 -21.50 29.42
CA GLN B 340 -7.61 -20.54 29.84
C GLN B 340 -7.99 -19.79 31.13
N GLY B 341 -9.28 -19.44 31.26
CA GLY B 341 -9.83 -18.74 32.42
C GLY B 341 -9.85 -19.58 33.68
N LEU B 342 -9.75 -20.92 33.52
CA LEU B 342 -9.75 -21.89 34.61
C LEU B 342 -8.31 -22.31 34.99
N SER B 343 -7.95 -22.13 36.28
CA SER B 343 -6.63 -22.50 36.81
C SER B 343 -6.43 -24.04 36.74
N SER B 344 -7.52 -24.79 36.96
CA SER B 344 -7.55 -26.25 36.94
C SER B 344 -8.78 -26.71 36.17
N PRO B 345 -8.78 -27.91 35.51
CA PRO B 345 -9.99 -28.36 34.80
C PRO B 345 -11.20 -28.58 35.72
N VAL B 346 -12.30 -27.85 35.44
CA VAL B 346 -13.53 -27.86 36.22
C VAL B 346 -14.42 -29.03 35.82
N THR B 347 -14.80 -29.87 36.80
CA THR B 347 -15.68 -31.00 36.58
C THR B 347 -17.06 -30.73 37.17
N LYS B 348 -18.12 -31.06 36.41
CA LYS B 348 -19.52 -30.97 36.86
C LYS B 348 -20.06 -32.37 36.73
N SER B 349 -20.63 -32.88 37.82
CA SER B 349 -21.11 -34.26 37.92
C SER B 349 -22.52 -34.37 38.44
N PHE B 350 -23.06 -35.59 38.28
CA PHE B 350 -24.32 -36.05 38.84
C PHE B 350 -24.25 -37.57 38.99
N ASN B 351 -25.06 -38.12 39.90
CA ASN B 351 -25.20 -39.54 40.13
C ASN B 351 -26.55 -39.90 39.53
N ARG B 352 -26.58 -40.89 38.64
CA ARG B 352 -27.75 -41.40 37.93
C ARG B 352 -29.04 -41.44 38.78
N GLY B 353 -28.91 -41.77 40.05
CA GLY B 353 -30.04 -41.84 40.96
C GLY B 353 -30.22 -40.58 41.77
N GLU B 354 -30.44 -39.43 41.09
CA GLU B 354 -30.66 -38.09 41.66
C GLU B 354 -29.65 -37.71 42.75
N GLU C 1 21.16 20.58 22.55
CA GLU C 1 22.62 20.65 22.81
C GLU C 1 23.39 19.79 21.80
N VAL C 2 22.67 18.84 21.18
CA VAL C 2 23.12 17.87 20.19
C VAL C 2 23.35 18.59 18.86
N GLN C 3 24.53 18.36 18.24
CA GLN C 3 24.88 19.01 16.99
C GLN C 3 25.75 18.13 16.11
N LEU C 4 25.65 18.34 14.82
CA LEU C 4 26.53 17.77 13.78
C LEU C 4 27.18 18.93 13.02
N VAL C 5 28.52 19.06 13.08
CA VAL C 5 29.21 20.17 12.40
C VAL C 5 30.02 19.65 11.23
N GLN C 6 29.72 20.16 10.04
CA GLN C 6 30.41 19.76 8.81
C GLN C 6 31.53 20.71 8.43
N SER C 7 32.50 20.19 7.67
CA SER C 7 33.64 20.94 7.16
C SER C 7 33.18 21.95 6.08
N GLY C 8 34.02 22.93 5.78
CA GLY C 8 33.71 24.01 4.84
C GLY C 8 33.53 23.62 3.38
N ALA C 9 33.09 24.60 2.59
CA ALA C 9 32.87 24.48 1.13
C ALA C 9 34.13 24.03 0.42
N GLU C 10 33.95 23.12 -0.54
CA GLU C 10 35.03 22.58 -1.32
C GLU C 10 34.88 22.97 -2.76
N VAL C 11 36.03 23.29 -3.41
CA VAL C 11 36.12 23.63 -4.83
C VAL C 11 37.20 22.72 -5.37
N LYS C 12 36.85 21.78 -6.27
CA LYS C 12 37.81 20.78 -6.73
C LYS C 12 37.75 20.59 -8.21
N LYS C 13 38.73 19.89 -8.79
CA LYS C 13 38.79 19.61 -10.22
C LYS C 13 38.44 18.14 -10.45
N PRO C 14 37.88 17.77 -11.63
CA PRO C 14 37.63 16.36 -11.92
C PRO C 14 38.88 15.50 -11.71
N GLY C 15 38.72 14.30 -11.18
CA GLY C 15 39.82 13.36 -10.93
C GLY C 15 40.54 13.58 -9.62
N GLU C 16 40.23 14.67 -8.90
CA GLU C 16 40.84 14.91 -7.62
C GLU C 16 40.15 14.11 -6.50
N SER C 17 40.91 13.78 -5.45
CA SER C 17 40.36 13.09 -4.31
C SER C 17 39.81 14.15 -3.34
N LEU C 18 38.93 13.73 -2.44
CA LEU C 18 38.35 14.65 -1.45
C LEU C 18 37.82 13.83 -0.30
N LYS C 19 38.03 14.31 0.93
CA LYS C 19 37.43 13.78 2.14
C LYS C 19 36.78 14.92 2.92
N ILE C 20 35.46 14.80 3.18
CA ILE C 20 34.68 15.79 3.95
C ILE C 20 34.28 15.18 5.28
N SER C 21 34.09 16.04 6.30
CA SER C 21 33.89 15.56 7.64
C SER C 21 32.62 16.04 8.30
N CYS C 22 32.21 15.26 9.32
CA CYS C 22 31.01 15.47 10.10
C CYS C 22 31.33 15.12 11.55
N LYS C 23 31.43 16.16 12.39
CA LYS C 23 31.75 16.00 13.80
C LYS C 23 30.53 16.17 14.71
N GLY C 24 30.27 15.16 15.53
CA GLY C 24 29.18 15.14 16.50
C GLY C 24 29.60 15.67 17.85
N SER C 25 28.66 16.25 18.58
CA SER C 25 28.84 16.78 19.95
C SER C 25 27.50 16.83 20.69
N GLY C 26 27.56 16.73 22.02
CA GLY C 26 26.39 16.78 22.89
C GLY C 26 25.73 15.44 23.15
N TYR C 27 26.29 14.35 22.59
CA TYR C 27 25.75 12.99 22.75
C TYR C 27 26.86 11.95 22.51
N ALA C 28 26.59 10.66 22.79
CA ALA C 28 27.55 9.57 22.61
C ALA C 28 27.55 9.16 21.13
N PHE C 29 28.50 9.72 20.36
CA PHE C 29 28.65 9.53 18.90
C PHE C 29 28.68 8.06 18.45
N THR C 30 29.27 7.17 19.28
CA THR C 30 29.38 5.73 19.03
C THR C 30 28.02 4.98 18.97
N ASN C 31 26.97 5.53 19.63
CA ASN C 31 25.66 4.93 19.79
C ASN C 31 24.64 5.16 18.69
N TYR C 32 24.90 6.12 17.76
CA TYR C 32 23.97 6.44 16.69
C TYR C 32 24.60 6.37 15.33
N LEU C 33 23.87 5.77 14.40
CA LEU C 33 24.30 5.63 13.01
C LEU C 33 24.33 7.00 12.35
N ILE C 34 25.37 7.23 11.52
CA ILE C 34 25.54 8.47 10.76
C ILE C 34 25.37 8.18 9.26
N GLU C 35 24.51 8.95 8.61
CA GLU C 35 24.20 8.73 7.21
C GLU C 35 24.53 9.95 6.34
N TRP C 36 24.84 9.71 5.07
CA TRP C 36 25.14 10.79 4.11
C TRP C 36 24.07 10.94 3.08
N VAL C 37 23.63 12.19 2.88
CA VAL C 37 22.56 12.57 1.98
C VAL C 37 23.05 13.70 1.06
N ARG C 38 22.84 13.58 -0.25
CA ARG C 38 23.21 14.69 -1.11
C ARG C 38 22.02 15.40 -1.71
N GLN C 39 22.18 16.68 -2.00
CA GLN C 39 21.14 17.48 -2.64
C GLN C 39 21.76 18.24 -3.81
N MET C 40 21.22 18.06 -5.02
CA MET C 40 21.72 18.77 -6.20
C MET C 40 20.83 19.97 -6.49
N PRO C 41 21.33 21.10 -7.11
CA PRO C 41 20.44 22.25 -7.36
C PRO C 41 19.27 21.89 -8.26
N GLY C 42 18.07 22.30 -7.84
CA GLY C 42 16.82 22.00 -8.54
C GLY C 42 16.26 20.66 -8.13
N LYS C 43 17.14 19.63 -8.09
CA LYS C 43 16.83 18.26 -7.69
C LYS C 43 16.65 18.17 -6.14
N GLY C 44 16.10 17.05 -5.70
CA GLY C 44 15.86 16.82 -4.28
C GLY C 44 17.02 16.17 -3.59
N LEU C 45 16.70 15.35 -2.61
CA LEU C 45 17.66 14.68 -1.76
C LEU C 45 17.85 13.22 -2.13
N GLU C 46 19.10 12.73 -2.11
CA GLU C 46 19.40 11.32 -2.40
C GLU C 46 20.21 10.75 -1.27
N TRP C 47 19.88 9.52 -0.86
CA TRP C 47 20.62 8.86 0.19
C TRP C 47 21.87 8.21 -0.39
N MET C 48 22.99 8.34 0.28
CA MET C 48 24.24 7.80 -0.25
C MET C 48 24.76 6.55 0.46
N GLY C 49 24.66 6.55 1.78
CA GLY C 49 25.15 5.46 2.61
C GLY C 49 25.12 5.80 4.07
N VAL C 50 25.49 4.81 4.86
CA VAL C 50 25.46 4.83 6.34
C VAL C 50 26.71 4.21 6.90
N ILE C 51 27.14 4.73 8.07
CA ILE C 51 28.23 4.23 8.90
C ILE C 51 27.68 4.02 10.29
N ASN C 52 28.06 2.90 10.87
CA ASN C 52 27.83 2.62 12.27
C ASN C 52 29.15 3.07 12.92
N PRO C 53 29.20 4.20 13.66
CA PRO C 53 30.46 4.65 14.27
C PRO C 53 31.08 3.73 15.32
N GLY C 54 30.29 2.85 15.91
CA GLY C 54 30.76 1.88 16.89
C GLY C 54 31.48 0.69 16.30
N SER C 55 31.18 0.31 15.07
CA SER C 55 31.73 -0.89 14.43
C SER C 55 32.55 -0.65 13.15
N GLY C 56 32.32 0.49 12.51
CA GLY C 56 32.92 0.80 11.22
C GLY C 56 32.13 0.15 10.09
N GLY C 57 31.09 -0.59 10.45
CA GLY C 57 30.18 -1.24 9.52
C GLY C 57 29.47 -0.21 8.64
N THR C 58 29.45 -0.46 7.32
CA THR C 58 28.84 0.44 6.35
C THR C 58 27.89 -0.25 5.37
N ASN C 59 27.08 0.56 4.71
CA ASN C 59 26.17 0.14 3.66
C ASN C 59 26.06 1.30 2.69
N TYR C 60 26.11 1.02 1.37
CA TYR C 60 26.04 2.05 0.32
C TYR C 60 24.87 1.86 -0.61
N ASN C 61 24.39 3.00 -1.15
CA ASN C 61 23.38 3.02 -2.20
C ASN C 61 24.17 2.48 -3.39
N GLU C 62 23.67 1.46 -4.05
CA GLU C 62 24.29 0.83 -5.23
C GLU C 62 24.76 1.86 -6.30
N LYS C 63 24.06 3.02 -6.37
CA LYS C 63 24.34 4.13 -7.29
C LYS C 63 25.72 4.77 -7.04
N PHE C 64 26.17 4.78 -5.76
CA PHE C 64 27.42 5.40 -5.34
C PHE C 64 28.50 4.40 -4.99
N LYS C 65 28.17 3.09 -4.94
CA LYS C 65 29.10 2.01 -4.60
C LYS C 65 30.35 2.02 -5.51
N GLY C 66 31.53 2.03 -4.90
CA GLY C 66 32.78 2.08 -5.66
C GLY C 66 33.28 3.48 -5.99
N GLN C 67 32.42 4.52 -5.87
CA GLN C 67 32.79 5.92 -6.09
C GLN C 67 33.11 6.63 -4.78
N VAL C 68 32.46 6.24 -3.69
CA VAL C 68 32.66 6.86 -2.37
C VAL C 68 33.01 5.82 -1.30
N THR C 69 33.62 6.28 -0.20
CA THR C 69 33.89 5.49 0.99
C THR C 69 33.46 6.33 2.17
N ILE C 70 32.71 5.70 3.07
CA ILE C 70 32.27 6.29 4.31
C ILE C 70 33.11 5.64 5.40
N SER C 71 33.64 6.44 6.32
CA SER C 71 34.43 5.98 7.42
C SER C 71 34.12 6.84 8.64
N ALA C 72 34.64 6.42 9.80
CA ALA C 72 34.46 7.15 11.04
C ALA C 72 35.65 6.94 11.94
N ASP C 73 35.89 7.96 12.77
CA ASP C 73 36.90 7.94 13.79
C ASP C 73 36.20 8.22 15.11
N LYS C 74 35.82 7.14 15.79
CA LYS C 74 35.16 7.03 17.10
C LYS C 74 35.77 7.98 18.14
N SER C 75 37.11 7.95 18.29
CA SER C 75 37.89 8.72 19.28
C SER C 75 37.76 10.24 19.15
N ILE C 76 37.36 10.75 17.97
CA ILE C 76 37.23 12.19 17.74
C ILE C 76 35.79 12.56 17.30
N SER C 77 34.83 11.63 17.51
CA SER C 77 33.39 11.79 17.19
C SER C 77 33.15 12.33 15.78
N THR C 78 33.90 11.81 14.80
CA THR C 78 33.83 12.28 13.43
C THR C 78 33.56 11.18 12.42
N ALA C 79 32.71 11.49 11.45
CA ALA C 79 32.34 10.66 10.29
C ALA C 79 32.85 11.35 9.05
N TYR C 80 33.18 10.57 8.02
CA TYR C 80 33.77 11.05 6.79
C TYR C 80 33.08 10.53 5.57
N LEU C 81 33.17 11.35 4.51
CA LEU C 81 32.70 11.01 3.18
C LEU C 81 33.90 11.31 2.24
N GLN C 82 34.33 10.28 1.52
CA GLN C 82 35.50 10.38 0.68
C GLN C 82 35.32 9.90 -0.75
N TRP C 83 35.93 10.64 -1.70
CA TRP C 83 35.99 10.32 -3.13
C TRP C 83 37.46 10.10 -3.52
N SER C 84 37.72 9.06 -4.30
CA SER C 84 39.08 8.82 -4.83
C SER C 84 39.31 9.64 -6.11
N SER C 85 38.24 9.84 -6.92
CA SER C 85 38.31 10.57 -8.19
C SER C 85 36.99 11.27 -8.50
N LEU C 86 36.89 12.56 -8.15
CA LEU C 86 35.68 13.40 -8.34
C LEU C 86 35.26 13.56 -9.80
N LYS C 87 33.96 13.63 -10.03
CA LYS C 87 33.35 13.81 -11.36
C LYS C 87 32.52 15.05 -11.31
N ALA C 88 32.19 15.61 -12.50
CA ALA C 88 31.27 16.79 -12.61
C ALA C 88 29.95 16.51 -11.89
N SER C 89 29.44 15.28 -12.01
CA SER C 89 28.21 14.78 -11.35
C SER C 89 28.31 14.73 -9.80
N ASP C 90 29.48 15.06 -9.20
CA ASP C 90 29.60 15.10 -7.76
C ASP C 90 29.34 16.49 -7.21
N THR C 91 29.10 17.48 -8.07
CA THR C 91 28.77 18.84 -7.62
C THR C 91 27.40 18.79 -6.91
N ALA C 92 27.36 19.08 -5.61
CA ALA C 92 26.13 19.03 -4.79
C ALA C 92 26.38 19.59 -3.42
N MET C 93 25.30 19.64 -2.63
CA MET C 93 25.33 19.96 -1.21
C MET C 93 25.32 18.58 -0.52
N TYR C 94 26.21 18.35 0.44
CA TYR C 94 26.24 17.09 1.19
C TYR C 94 25.86 17.31 2.63
N TYR C 95 24.96 16.48 3.16
CA TYR C 95 24.56 16.52 4.56
C TYR C 95 24.92 15.23 5.25
N CYS C 96 25.30 15.31 6.50
CA CYS C 96 25.39 14.11 7.33
C CYS C 96 24.15 14.20 8.25
N ALA C 97 23.62 13.04 8.64
CA ALA C 97 22.44 13.00 9.51
C ALA C 97 22.55 11.87 10.48
N ARG C 98 22.04 12.10 11.69
CA ARG C 98 21.99 11.11 12.74
C ARG C 98 20.69 10.31 12.55
N TRP C 99 20.81 8.97 12.52
CA TRP C 99 19.68 8.06 12.39
C TRP C 99 19.11 7.62 13.74
N ARG C 100 17.77 7.70 13.88
CA ARG C 100 17.03 7.25 15.04
C ARG C 100 16.25 6.03 14.61
N GLY C 101 16.65 4.88 15.12
CA GLY C 101 16.07 3.59 14.76
C GLY C 101 15.47 2.70 15.82
N GLU C 102 15.12 3.23 17.03
CA GLU C 102 14.49 2.44 18.10
C GLU C 102 13.09 1.99 17.70
N GLY C 103 12.75 0.73 18.04
CA GLY C 103 11.44 0.15 17.73
C GLY C 103 11.06 0.36 16.28
N TYR C 104 9.93 1.05 16.03
CA TYR C 104 9.46 1.35 14.67
C TYR C 104 10.07 2.62 14.06
N TYR C 105 10.84 3.40 14.83
CA TYR C 105 11.45 4.62 14.28
C TYR C 105 12.48 4.29 13.22
N ALA C 106 12.58 5.14 12.19
CA ALA C 106 13.61 5.06 11.16
C ALA C 106 13.67 6.46 10.55
N TYR C 107 14.24 7.42 11.31
CA TYR C 107 14.26 8.82 10.88
C TYR C 107 15.57 9.58 11.20
N PHE C 108 15.75 10.76 10.59
CA PHE C 108 16.93 11.59 10.78
C PHE C 108 16.54 12.78 11.65
N ASP C 109 17.00 12.80 12.91
CA ASP C 109 16.61 13.90 13.81
C ASP C 109 17.63 15.05 13.80
N VAL C 110 18.93 14.74 13.74
CA VAL C 110 19.97 15.78 13.74
C VAL C 110 20.69 15.81 12.41
N TRP C 111 20.76 16.99 11.82
CA TRP C 111 21.41 17.20 10.54
C TRP C 111 22.59 18.13 10.67
N GLY C 112 23.62 17.86 9.88
CA GLY C 112 24.75 18.76 9.72
C GLY C 112 24.26 19.98 8.95
N GLN C 113 25.03 21.09 8.94
CA GLN C 113 24.62 22.32 8.25
C GLN C 113 24.81 22.23 6.72
N GLY C 114 25.52 21.21 6.26
CA GLY C 114 25.78 21.04 4.84
C GLY C 114 27.16 21.48 4.41
N THR C 115 27.71 20.75 3.42
CA THR C 115 29.00 21.03 2.78
C THR C 115 28.75 21.09 1.30
N THR C 116 29.04 22.21 0.67
CA THR C 116 28.90 22.25 -0.79
C THR C 116 30.21 21.74 -1.41
N VAL C 117 30.07 20.98 -2.50
CA VAL C 117 31.16 20.45 -3.29
C VAL C 117 30.92 20.92 -4.73
N THR C 118 31.89 21.70 -5.25
CA THR C 118 31.86 22.21 -6.61
C THR C 118 32.99 21.52 -7.37
N VAL C 119 32.66 20.77 -8.42
CA VAL C 119 33.63 20.10 -9.28
C VAL C 119 33.68 20.82 -10.64
N SER C 120 34.81 21.43 -10.93
CA SER C 120 34.99 22.18 -12.17
C SER C 120 36.45 22.19 -12.52
N SER C 121 36.75 22.19 -13.84
CA SER C 121 38.13 22.31 -14.33
C SER C 121 38.60 23.77 -14.32
N ALA C 122 37.71 24.72 -14.03
CA ALA C 122 38.10 26.13 -14.06
C ALA C 122 39.10 26.46 -12.95
N SER C 123 39.94 27.51 -13.17
CA SER C 123 40.91 28.01 -12.21
C SER C 123 40.41 29.32 -11.68
N THR C 124 40.86 29.72 -10.49
CA THR C 124 40.47 30.98 -9.85
C THR C 124 40.64 32.13 -10.84
N LYS C 125 39.61 32.95 -10.98
CA LYS C 125 39.62 34.09 -11.88
C LYS C 125 38.80 35.19 -11.23
N GLY C 126 39.38 36.39 -11.13
CA GLY C 126 38.70 37.52 -10.55
C GLY C 126 37.70 38.13 -11.53
N PRO C 127 36.63 38.83 -11.11
CA PRO C 127 35.68 39.36 -12.08
C PRO C 127 36.10 40.66 -12.74
N SER C 128 35.46 40.95 -13.89
CA SER C 128 35.52 42.22 -14.60
C SER C 128 34.21 42.87 -14.16
N VAL C 129 34.26 44.13 -13.74
CA VAL C 129 33.08 44.84 -13.24
C VAL C 129 32.74 45.96 -14.23
N PHE C 130 31.53 45.91 -14.78
CA PHE C 130 31.06 46.88 -15.75
C PHE C 130 29.84 47.59 -15.23
N PRO C 131 29.73 48.92 -15.43
CA PRO C 131 28.53 49.65 -14.98
C PRO C 131 27.28 49.37 -15.84
N LEU C 132 26.10 49.43 -15.22
CA LEU C 132 24.79 49.34 -15.87
C LEU C 132 24.20 50.74 -15.62
N ALA C 133 24.56 51.67 -16.52
CA ALA C 133 24.24 53.09 -16.41
C ALA C 133 22.77 53.41 -16.50
N PRO C 134 22.29 54.31 -15.59
CA PRO C 134 20.88 54.74 -15.66
C PRO C 134 20.67 55.66 -16.86
N SER C 135 19.47 55.61 -17.49
CA SER C 135 19.13 56.47 -18.64
C SER C 135 18.86 57.91 -18.19
N GLY C 142 9.00 58.60 -10.33
CA GLY C 142 10.37 59.07 -10.60
C GLY C 142 11.43 58.21 -9.93
N THR C 143 11.69 57.01 -10.49
CA THR C 143 12.70 56.07 -9.96
C THR C 143 13.59 55.54 -11.08
N ALA C 144 14.91 55.66 -10.87
CA ALA C 144 15.94 55.20 -11.80
C ALA C 144 16.56 53.89 -11.33
N ALA C 145 16.90 53.02 -12.28
CA ALA C 145 17.61 51.78 -11.93
C ALA C 145 18.99 51.89 -12.54
N LEU C 146 19.97 51.47 -11.75
CA LEU C 146 21.38 51.43 -12.15
C LEU C 146 21.95 50.16 -11.56
N GLY C 147 23.13 49.76 -12.02
CA GLY C 147 23.76 48.56 -11.49
C GLY C 147 25.19 48.30 -11.90
N CYS C 148 25.64 47.07 -11.61
CA CYS C 148 26.94 46.54 -11.94
C CYS C 148 26.81 45.14 -12.46
N LEU C 149 27.58 44.84 -13.50
CA LEU C 149 27.66 43.51 -14.10
C LEU C 149 29.02 43.00 -13.66
N VAL C 150 29.01 41.90 -12.89
CA VAL C 150 30.17 41.27 -12.30
C VAL C 150 30.28 40.00 -13.12
N LYS C 151 31.21 39.99 -14.02
CA LYS C 151 31.31 38.92 -15.00
C LYS C 151 32.62 38.21 -15.04
N ASP C 152 32.56 36.93 -15.42
CA ASP C 152 33.67 36.04 -15.70
C ASP C 152 34.57 35.79 -14.52
N TYR C 153 34.00 35.31 -13.43
CA TYR C 153 34.75 34.94 -12.22
C TYR C 153 34.53 33.49 -11.81
N PHE C 154 35.48 32.97 -11.03
CA PHE C 154 35.45 31.61 -10.51
C PHE C 154 36.35 31.54 -9.28
N PRO C 155 35.97 30.78 -8.23
CA PRO C 155 34.66 30.13 -8.03
C PRO C 155 33.71 31.15 -7.40
N GLU C 156 32.53 30.72 -6.96
CA GLU C 156 31.67 31.57 -6.17
C GLU C 156 32.31 31.63 -4.75
N PRO C 157 31.92 32.59 -3.87
CA PRO C 157 31.03 33.72 -4.11
C PRO C 157 31.80 34.99 -4.43
N VAL C 158 31.06 36.01 -4.81
CA VAL C 158 31.51 37.38 -4.92
C VAL C 158 30.58 38.14 -3.92
N THR C 159 31.07 39.22 -3.28
CA THR C 159 30.20 40.07 -2.45
C THR C 159 30.06 41.41 -3.20
N VAL C 160 28.83 41.95 -3.26
CA VAL C 160 28.59 43.23 -3.92
C VAL C 160 27.89 44.13 -2.91
N SER C 161 28.44 45.31 -2.67
CA SER C 161 27.79 46.32 -1.82
C SER C 161 27.70 47.64 -2.63
N TRP C 162 26.93 48.62 -2.12
CA TRP C 162 26.75 49.92 -2.75
C TRP C 162 27.09 51.00 -1.75
N ASN C 163 28.02 51.91 -2.15
CA ASN C 163 28.54 53.02 -1.34
C ASN C 163 29.03 52.52 -0.02
N SER C 164 29.89 51.47 -0.09
CA SER C 164 30.51 50.80 1.05
C SER C 164 29.47 50.17 2.01
N GLY C 165 28.36 49.69 1.44
CA GLY C 165 27.27 49.06 2.16
C GLY C 165 26.21 50.03 2.70
N ALA C 166 26.49 51.36 2.70
CA ALA C 166 25.57 52.38 3.23
C ALA C 166 24.25 52.48 2.43
N LEU C 167 24.27 52.08 1.13
CA LEU C 167 23.08 52.07 0.28
C LEU C 167 22.58 50.61 0.21
N THR C 168 21.44 50.33 0.90
CA THR C 168 20.84 48.98 0.98
C THR C 168 19.42 48.96 0.42
N SER C 169 18.70 50.05 0.61
CA SER C 169 17.33 50.15 0.16
C SER C 169 17.23 50.12 -1.39
N GLY C 170 16.49 49.12 -1.89
CA GLY C 170 16.23 48.92 -3.31
C GLY C 170 17.27 48.10 -4.04
N VAL C 171 18.20 47.47 -3.29
CA VAL C 171 19.26 46.64 -3.89
C VAL C 171 18.77 45.21 -4.16
N HIS C 172 19.14 44.66 -5.31
CA HIS C 172 18.89 43.26 -5.67
C HIS C 172 20.18 42.76 -6.31
N THR C 173 20.83 41.79 -5.66
CA THR C 173 22.04 41.16 -6.15
C THR C 173 21.57 39.81 -6.55
N PHE C 174 21.52 39.58 -7.86
CA PHE C 174 20.98 38.37 -8.45
C PHE C 174 21.80 37.14 -8.16
N PRO C 175 21.20 35.92 -8.12
CA PRO C 175 22.03 34.71 -8.00
C PRO C 175 22.95 34.63 -9.22
N ALA C 176 24.11 34.00 -9.07
CA ALA C 176 25.05 33.88 -10.15
C ALA C 176 24.59 32.85 -11.13
N VAL C 177 24.92 33.06 -12.40
CA VAL C 177 24.61 32.06 -13.43
C VAL C 177 25.95 31.50 -13.91
N LEU C 178 26.03 30.22 -14.11
CA LEU C 178 27.22 29.58 -14.60
C LEU C 178 27.15 29.62 -16.15
N GLN C 179 28.07 30.40 -16.81
CA GLN C 179 28.13 30.53 -18.29
C GLN C 179 28.72 29.27 -18.88
N SER C 180 28.56 29.04 -20.19
CA SER C 180 29.10 27.86 -20.87
C SER C 180 30.64 27.80 -20.81
N SER C 181 31.27 28.97 -20.58
CA SER C 181 32.73 29.12 -20.42
C SER C 181 33.27 28.41 -19.14
N GLY C 182 32.38 28.16 -18.18
CA GLY C 182 32.71 27.55 -16.88
C GLY C 182 32.91 28.65 -15.85
N LEU C 183 32.65 29.88 -16.26
CA LEU C 183 32.81 31.03 -15.38
C LEU C 183 31.46 31.56 -15.01
N TYR C 184 31.37 32.23 -13.84
CA TYR C 184 30.12 32.75 -13.33
C TYR C 184 29.94 34.19 -13.73
N SER C 185 28.69 34.66 -13.66
CA SER C 185 28.36 36.03 -13.92
C SER C 185 27.16 36.42 -13.08
N LEU C 186 27.13 37.63 -12.62
CA LEU C 186 25.96 38.17 -11.93
C LEU C 186 25.85 39.69 -12.11
N SER C 187 24.67 40.21 -11.81
CA SER C 187 24.34 41.63 -11.80
C SER C 187 23.75 41.96 -10.46
N SER C 188 24.05 43.16 -9.97
CA SER C 188 23.50 43.74 -8.75
C SER C 188 22.94 45.07 -9.20
N VAL C 189 21.65 45.30 -8.93
CA VAL C 189 20.94 46.51 -9.36
C VAL C 189 20.43 47.27 -8.14
N VAL C 190 20.21 48.56 -8.30
CA VAL C 190 19.63 49.38 -7.24
C VAL C 190 18.68 50.39 -7.90
N THR C 191 17.49 50.62 -7.29
CA THR C 191 16.53 51.61 -7.75
C THR C 191 16.65 52.81 -6.79
N VAL C 192 16.75 54.04 -7.34
CA VAL C 192 17.02 55.22 -6.51
C VAL C 192 16.09 56.36 -6.94
N PRO C 193 15.88 57.41 -6.10
CA PRO C 193 15.08 58.53 -6.57
C PRO C 193 15.74 59.10 -7.84
N SER C 194 14.95 59.32 -8.92
CA SER C 194 15.44 59.83 -10.20
C SER C 194 16.39 61.03 -10.07
N SER C 195 16.01 62.04 -9.24
CA SER C 195 16.81 63.24 -9.08
C SER C 195 18.12 63.08 -8.27
N SER C 196 18.35 61.90 -7.66
CA SER C 196 19.59 61.65 -6.92
C SER C 196 20.77 61.44 -7.88
N LEU C 197 20.49 61.07 -9.16
CA LEU C 197 21.50 60.80 -10.19
C LEU C 197 22.51 61.93 -10.39
N GLY C 198 22.07 63.18 -10.16
CA GLY C 198 22.90 64.37 -10.29
C GLY C 198 23.36 64.95 -8.96
N THR C 199 23.41 64.11 -7.91
CA THR C 199 23.87 64.53 -6.58
C THR C 199 24.75 63.46 -5.94
N GLN C 200 24.20 62.23 -5.82
CA GLN C 200 24.82 61.08 -5.19
C GLN C 200 25.77 60.38 -6.11
N THR C 201 26.92 60.04 -5.58
CA THR C 201 27.91 59.23 -6.26
C THR C 201 27.50 57.81 -5.94
N TYR C 202 27.30 56.97 -6.95
CA TYR C 202 26.96 55.55 -6.79
C TYR C 202 28.16 54.72 -7.15
N ILE C 203 28.65 53.93 -6.18
CA ILE C 203 29.81 53.06 -6.34
C ILE C 203 29.43 51.65 -5.94
N CYS C 204 29.67 50.66 -6.81
CA CYS C 204 29.48 49.28 -6.43
C CYS C 204 30.83 48.70 -6.02
N ASN C 205 30.85 48.11 -4.82
CA ASN C 205 32.02 47.50 -4.22
C ASN C 205 31.89 46.04 -4.44
N VAL C 206 32.80 45.48 -5.23
CA VAL C 206 32.83 44.05 -5.55
C VAL C 206 34.09 43.45 -4.94
N ASN C 207 33.92 42.38 -4.12
CA ASN C 207 35.00 41.63 -3.51
C ASN C 207 34.92 40.17 -3.94
N HIS C 208 36.02 39.62 -4.44
CA HIS C 208 36.15 38.20 -4.80
C HIS C 208 37.37 37.74 -4.02
N LYS C 209 37.15 37.15 -2.84
CA LYS C 209 38.21 36.74 -1.94
C LYS C 209 39.20 35.78 -2.58
N PRO C 210 38.80 34.72 -3.32
CA PRO C 210 39.82 33.79 -3.87
C PRO C 210 40.92 34.45 -4.73
N SER C 211 40.58 35.47 -5.51
CA SER C 211 41.53 36.19 -6.38
C SER C 211 42.03 37.48 -5.69
N ASN C 212 41.45 37.84 -4.50
CA ASN C 212 41.79 39.10 -3.81
C ASN C 212 41.45 40.34 -4.66
N THR C 213 40.38 40.22 -5.47
CA THR C 213 39.86 41.32 -6.30
C THR C 213 38.98 42.19 -5.37
N LYS C 214 39.22 43.50 -5.41
CA LYS C 214 38.48 44.52 -4.70
C LYS C 214 38.33 45.64 -5.71
N VAL C 215 37.16 45.72 -6.35
CA VAL C 215 36.82 46.70 -7.38
C VAL C 215 35.77 47.66 -6.82
N ASP C 216 36.01 48.98 -6.97
CA ASP C 216 35.08 50.05 -6.59
C ASP C 216 34.70 50.75 -7.89
N LYS C 217 33.58 50.34 -8.51
CA LYS C 217 33.19 50.87 -9.80
C LYS C 217 32.11 51.90 -9.67
N LYS C 218 32.48 53.15 -10.01
CA LYS C 218 31.58 54.28 -10.00
C LYS C 218 30.67 54.15 -11.25
N VAL C 219 29.36 54.21 -11.00
CA VAL C 219 28.32 54.09 -12.01
C VAL C 219 27.77 55.52 -12.27
N GLU C 220 28.06 56.07 -13.46
CA GLU C 220 27.66 57.42 -13.82
C GLU C 220 26.51 57.41 -14.84
N PRO C 221 25.55 58.35 -14.76
CA PRO C 221 24.47 58.40 -15.78
C PRO C 221 25.01 58.63 -17.20
N ILE D 2 11.85 2.43 -4.12
CA ILE D 2 10.53 3.04 -3.97
C ILE D 2 10.58 4.50 -4.40
N ARG D 3 9.78 4.88 -5.41
CA ARG D 3 9.69 6.24 -5.89
C ARG D 3 8.60 7.00 -5.12
N LEU D 4 8.87 8.23 -4.67
CA LEU D 4 7.93 9.09 -3.92
C LEU D 4 7.59 10.31 -4.76
N THR D 5 6.29 10.56 -4.94
CA THR D 5 5.76 11.67 -5.77
C THR D 5 5.05 12.65 -4.87
N GLN D 6 5.45 13.91 -4.92
CA GLN D 6 4.81 14.94 -4.11
C GLN D 6 3.90 15.82 -4.95
N SER D 7 2.74 16.23 -4.38
CA SER D 7 1.83 17.11 -5.12
C SER D 7 1.13 18.14 -4.19
N PRO D 8 1.01 19.41 -4.63
CA PRO D 8 1.58 19.97 -5.87
C PRO D 8 3.10 20.14 -5.70
N SER D 9 3.82 20.39 -6.76
CA SER D 9 5.27 20.60 -6.66
C SER D 9 5.60 21.95 -6.01
N SER D 10 4.67 22.92 -6.13
CA SER D 10 4.77 24.27 -5.62
C SER D 10 3.40 24.88 -5.58
N PHE D 11 3.16 25.77 -4.60
CA PHE D 11 1.91 26.53 -4.48
C PHE D 11 2.01 27.73 -3.55
N SER D 12 1.13 28.72 -3.77
CA SER D 12 1.04 29.94 -2.98
C SER D 12 -0.09 29.85 -1.95
N ALA D 13 0.18 30.37 -0.75
CA ALA D 13 -0.73 30.40 0.38
C ALA D 13 -0.56 31.69 1.17
N SER D 14 -1.58 32.01 1.98
CA SER D 14 -1.61 33.21 2.81
C SER D 14 -1.55 32.81 4.27
N THR D 15 -1.09 33.72 5.14
CA THR D 15 -1.05 33.39 6.57
C THR D 15 -2.48 33.21 7.06
N GLY D 16 -2.67 32.19 7.90
CA GLY D 16 -3.96 31.78 8.44
C GLY D 16 -4.65 30.70 7.65
N ASP D 17 -4.04 30.25 6.53
CA ASP D 17 -4.62 29.24 5.63
C ASP D 17 -4.41 27.79 6.12
N ARG D 18 -5.36 26.90 5.77
CA ARG D 18 -5.19 25.48 6.02
C ARG D 18 -4.55 24.93 4.74
N VAL D 19 -3.46 24.21 4.91
CA VAL D 19 -2.63 23.70 3.84
C VAL D 19 -2.39 22.20 3.99
N THR D 20 -2.58 21.45 2.89
CA THR D 20 -2.36 19.99 2.87
C THR D 20 -1.45 19.60 1.69
N ILE D 21 -0.38 18.84 1.97
CA ILE D 21 0.66 18.38 1.02
C ILE D 21 0.59 16.86 0.93
N THR D 22 0.63 16.30 -0.28
CA THR D 22 0.55 14.86 -0.43
C THR D 22 1.85 14.22 -0.88
N CYS D 23 1.99 12.92 -0.55
CA CYS D 23 3.12 12.09 -0.94
C CYS D 23 2.53 10.74 -1.41
N LYS D 24 2.92 10.28 -2.60
CA LYS D 24 2.46 9.01 -3.16
C LYS D 24 3.69 8.10 -3.38
N ALA D 25 3.70 6.92 -2.75
CA ALA D 25 4.78 5.94 -2.88
C ALA D 25 4.49 4.92 -3.99
N SER D 26 5.52 4.46 -4.75
CA SER D 26 5.36 3.48 -5.87
C SER D 26 4.95 2.08 -5.39
N GLN D 27 5.18 1.79 -4.11
CA GLN D 27 4.83 0.54 -3.45
C GLN D 27 4.78 0.85 -1.96
N SER D 28 4.12 -0.01 -1.18
CA SER D 28 3.87 0.20 0.25
C SER D 28 5.11 0.38 1.08
N VAL D 29 5.05 1.41 1.94
CA VAL D 29 6.16 1.72 2.87
C VAL D 29 5.88 1.16 4.28
N ASP D 30 4.87 0.28 4.41
CA ASP D 30 4.43 -0.36 5.67
C ASP D 30 5.07 -1.72 5.89
N TYR D 31 5.30 -2.04 7.16
CA TYR D 31 5.87 -3.32 7.61
C TYR D 31 5.25 -3.63 8.94
N GLY D 32 4.84 -4.87 9.10
CA GLY D 32 4.08 -5.30 10.27
C GLY D 32 4.85 -5.91 11.42
N GLY D 33 6.14 -6.10 11.22
CA GLY D 33 7.03 -6.70 12.21
C GLY D 33 7.45 -8.10 11.78
N GLY D 34 8.61 -8.51 12.24
CA GLY D 34 9.15 -9.83 11.94
C GLY D 34 8.65 -10.92 12.88
N PRO D 40 12.53 -7.01 22.89
CA PRO D 40 13.74 -7.84 22.91
C PRO D 40 13.96 -8.57 24.25
N ARG D 41 13.66 -7.87 25.37
CA ARG D 41 13.79 -8.27 26.77
C ARG D 41 13.53 -9.75 27.06
N ASP D 42 12.35 -10.28 26.65
CA ASP D 42 11.92 -11.66 26.91
C ASP D 42 12.78 -12.71 26.23
N LEU D 43 13.05 -12.53 24.93
CA LEU D 43 13.84 -13.45 24.10
C LEU D 43 15.26 -13.64 24.64
N ILE D 44 15.95 -12.52 24.98
CA ILE D 44 17.30 -12.48 25.54
C ILE D 44 17.32 -13.16 26.92
N SER D 45 16.38 -12.78 27.83
CA SER D 45 16.24 -13.35 29.17
C SER D 45 16.11 -14.87 29.17
N ASN D 46 15.50 -15.44 28.12
CA ASN D 46 15.33 -16.88 27.95
C ASN D 46 16.64 -17.57 27.64
N ILE D 47 17.37 -17.07 26.65
CA ILE D 47 18.67 -17.58 26.22
C ILE D 47 19.62 -17.49 27.40
N ASN D 48 19.62 -16.35 28.13
CA ASN D 48 20.43 -16.14 29.33
C ASN D 48 20.13 -17.23 30.37
N VAL D 49 18.84 -17.50 30.64
CA VAL D 49 18.44 -18.55 31.58
C VAL D 49 18.89 -19.94 31.09
N ILE D 50 18.58 -20.31 29.81
CA ILE D 50 18.96 -21.60 29.21
C ILE D 50 20.50 -21.81 29.21
N VAL D 51 21.29 -20.79 28.80
CA VAL D 51 22.76 -20.85 28.71
C VAL D 51 23.37 -21.15 30.10
N LEU D 52 22.86 -20.51 31.19
CA LEU D 52 23.35 -20.76 32.56
C LEU D 52 23.05 -22.18 33.05
N GLU D 53 22.07 -22.87 32.43
CA GLU D 53 21.66 -24.23 32.74
C GLU D 53 22.50 -25.28 32.00
N LEU D 54 23.02 -24.95 30.80
CA LEU D 54 23.76 -25.83 29.90
C LEU D 54 25.30 -25.84 30.05
N LYS D 55 25.92 -24.65 30.22
CA LYS D 55 27.37 -24.50 30.32
C LYS D 55 28.01 -25.17 31.56
N GLY D 56 27.24 -25.31 32.65
CA GLY D 56 27.70 -25.92 33.89
C GLY D 56 28.67 -25.05 34.65
N THR D 60 34.41 -19.61 36.04
CA THR D 60 35.68 -20.26 35.76
C THR D 60 36.19 -19.99 34.32
N PHE D 61 35.45 -20.51 33.32
CA PHE D 61 35.80 -20.43 31.90
C PHE D 61 35.90 -19.00 31.35
N MET D 62 36.97 -18.77 30.58
CA MET D 62 37.29 -17.52 29.89
C MET D 62 37.09 -17.82 28.41
N CYS D 63 36.31 -16.98 27.69
CA CYS D 63 36.02 -17.26 26.28
C CYS D 63 37.15 -16.83 25.33
N GLU D 64 37.44 -17.73 24.39
CA GLU D 64 38.44 -17.63 23.33
C GLU D 64 37.71 -17.15 22.06
N TYR D 65 37.87 -15.87 21.71
CA TYR D 65 37.21 -15.26 20.55
C TYR D 65 38.07 -15.29 19.28
N ALA D 66 37.41 -15.53 18.12
CA ALA D 66 38.09 -15.55 16.82
C ALA D 66 38.52 -14.13 16.44
N ASP D 67 39.45 -13.99 15.48
CA ASP D 67 39.97 -12.70 15.03
C ASP D 67 38.93 -11.95 14.20
N GLU D 68 38.22 -12.69 13.32
CA GLU D 68 37.19 -12.13 12.46
C GLU D 68 35.84 -12.06 13.15
N THR D 69 35.28 -10.84 13.22
CA THR D 69 33.95 -10.61 13.80
C THR D 69 32.91 -11.02 12.76
N ALA D 70 31.62 -11.05 13.14
CA ALA D 70 30.55 -11.43 12.23
C ALA D 70 29.36 -10.49 12.33
N THR D 71 28.42 -10.60 11.38
CA THR D 71 27.17 -9.87 11.41
C THR D 71 26.23 -10.65 12.33
N ILE D 72 25.09 -10.03 12.64
CA ILE D 72 24.09 -10.65 13.48
C ILE D 72 23.56 -11.97 12.83
N VAL D 73 23.40 -12.01 11.47
CA VAL D 73 22.92 -13.21 10.76
C VAL D 73 23.95 -14.36 10.88
N GLU D 74 25.23 -14.06 10.67
CA GLU D 74 26.32 -15.03 10.78
C GLU D 74 26.50 -15.58 12.22
N PHE D 75 26.36 -14.69 13.24
CA PHE D 75 26.49 -15.00 14.67
C PHE D 75 25.42 -16.00 15.13
N LEU D 76 24.13 -15.73 14.78
CA LEU D 76 22.98 -16.58 15.09
C LEU D 76 23.12 -17.91 14.33
N ASN D 77 23.46 -17.88 13.02
CA ASN D 77 23.66 -19.08 12.20
C ASN D 77 24.69 -20.06 12.78
N ARG D 78 25.79 -19.53 13.35
CA ARG D 78 26.87 -20.27 14.00
C ARG D 78 26.37 -20.99 15.25
N TRP D 79 25.59 -20.27 16.09
CA TRP D 79 25.07 -20.85 17.32
C TRP D 79 23.95 -21.86 17.06
N ILE D 80 23.26 -21.75 15.90
CA ILE D 80 22.23 -22.72 15.46
C ILE D 80 22.97 -23.98 15.01
N THR D 81 24.06 -23.83 14.17
CA THR D 81 24.88 -24.95 13.70
C THR D 81 25.48 -25.68 14.93
N PHE D 82 25.94 -24.92 15.96
CA PHE D 82 26.49 -25.43 17.22
C PHE D 82 25.42 -26.27 17.95
N SER D 83 24.20 -25.70 18.12
CA SER D 83 23.08 -26.33 18.81
C SER D 83 22.65 -27.63 18.14
N GLN D 84 22.57 -27.63 16.78
CA GLN D 84 22.22 -28.80 15.97
C GLN D 84 23.31 -29.88 16.04
N SER D 85 24.59 -29.48 16.15
CA SER D 85 25.74 -30.37 16.20
C SER D 85 25.71 -31.29 17.42
N ILE D 86 25.48 -30.71 18.63
CA ILE D 86 25.39 -31.46 19.88
C ILE D 86 24.21 -32.43 19.86
N ILE D 87 23.03 -31.94 19.42
CA ILE D 87 21.79 -32.71 19.31
C ILE D 87 22.02 -33.97 18.44
N SER D 88 22.69 -33.83 17.28
CA SER D 88 23.03 -34.89 16.33
C SER D 88 23.80 -36.05 16.97
N THR D 89 24.64 -35.77 17.97
CA THR D 89 25.47 -36.77 18.65
C THR D 89 24.97 -37.21 20.03
N LEU D 90 24.21 -36.35 20.75
CA LEU D 90 23.73 -36.65 22.11
C LEU D 90 22.63 -37.76 22.14
N THR D 91 22.97 -38.92 22.74
CA THR D 91 22.09 -40.08 22.89
C THR D 91 21.54 -40.15 24.34
N PRO D 92 20.23 -39.83 24.56
CA PRO D 92 19.67 -39.91 25.93
C PRO D 92 19.66 -41.33 26.51
N THR D 93 20.42 -41.53 27.60
CA THR D 93 20.51 -42.81 28.30
C THR D 93 20.22 -42.65 29.81
N SER D 94 19.83 -41.42 30.24
CA SER D 94 19.54 -41.06 31.64
C SER D 94 18.61 -39.83 31.70
N SER D 95 18.16 -39.43 32.91
CA SER D 95 17.31 -38.25 33.11
C SER D 95 18.08 -36.95 32.82
N SER D 96 19.37 -36.91 33.17
CA SER D 96 20.27 -35.77 32.97
C SER D 96 20.62 -35.53 31.49
N THR D 97 20.74 -36.62 30.69
CA THR D 97 21.08 -36.54 29.25
C THR D 97 19.83 -36.24 28.40
N LYS D 98 18.63 -36.32 29.01
CA LYS D 98 17.36 -36.02 28.35
C LYS D 98 17.01 -34.54 28.58
N LYS D 99 17.30 -34.03 29.81
CA LYS D 99 17.09 -32.65 30.24
C LYS D 99 18.01 -31.70 29.46
N THR D 100 19.29 -32.12 29.22
CA THR D 100 20.23 -31.31 28.44
C THR D 100 19.82 -31.30 26.97
N GLN D 101 19.22 -32.41 26.47
CA GLN D 101 18.73 -32.48 25.08
C GLN D 101 17.54 -31.53 24.89
N LEU D 102 16.59 -31.50 25.87
CA LEU D 102 15.44 -30.61 25.84
C LEU D 102 15.85 -29.13 25.90
N GLN D 103 16.84 -28.80 26.74
CA GLN D 103 17.31 -27.42 26.86
C GLN D 103 18.01 -26.94 25.58
N LEU D 104 18.73 -27.86 24.87
CA LEU D 104 19.39 -27.57 23.58
C LEU D 104 18.34 -27.35 22.50
N GLU D 105 17.13 -27.96 22.65
CA GLU D 105 16.02 -27.76 21.71
C GLU D 105 15.36 -26.40 21.93
N HIS D 106 15.24 -25.96 23.19
CA HIS D 106 14.65 -24.65 23.54
C HIS D 106 15.59 -23.53 23.09
N LEU D 107 16.91 -23.76 23.24
CA LEU D 107 17.92 -22.81 22.80
C LEU D 107 17.89 -22.69 21.26
N LEU D 108 17.88 -23.86 20.55
CA LEU D 108 17.80 -23.95 19.08
C LEU D 108 16.56 -23.25 18.54
N LEU D 109 15.40 -23.44 19.19
CA LEU D 109 14.15 -22.80 18.77
C LEU D 109 14.20 -21.30 19.02
N ASP D 110 14.83 -20.85 20.14
CA ASP D 110 14.94 -19.42 20.44
C ASP D 110 15.85 -18.67 19.50
N LEU D 111 16.98 -19.31 19.10
CA LEU D 111 17.94 -18.73 18.17
C LEU D 111 17.31 -18.64 16.79
N GLN D 112 16.63 -19.74 16.35
CA GLN D 112 15.93 -19.79 15.06
C GLN D 112 14.81 -18.75 15.02
N MET D 113 14.06 -18.57 16.13
CA MET D 113 12.97 -17.58 16.19
C MET D 113 13.49 -16.12 16.16
N ILE D 114 14.69 -15.85 16.71
CA ILE D 114 15.27 -14.51 16.62
C ILE D 114 15.74 -14.31 15.17
N LEU D 115 16.38 -15.35 14.58
CA LEU D 115 16.89 -15.31 13.21
C LEU D 115 15.78 -15.08 12.17
N ASN D 116 14.69 -15.89 12.17
CA ASN D 116 13.58 -15.70 11.20
C ASN D 116 12.86 -14.35 11.40
N GLY D 117 12.90 -13.79 12.61
CA GLY D 117 12.28 -12.50 12.92
C GLY D 117 13.01 -11.32 12.30
N ILE D 118 14.32 -11.45 12.05
CA ILE D 118 15.11 -10.36 11.47
C ILE D 118 15.63 -10.64 10.04
N ASN D 119 15.93 -11.92 9.71
CA ASN D 119 16.52 -12.30 8.44
C ASN D 119 15.49 -12.65 7.38
N ASN D 120 15.04 -11.63 6.68
CA ASN D 120 14.08 -11.66 5.56
C ASN D 120 14.19 -10.33 4.83
N TYR D 121 14.01 -10.36 3.49
CA TYR D 121 14.16 -9.21 2.60
C TYR D 121 13.26 -8.01 2.96
N LYS D 122 12.04 -8.29 3.47
CA LYS D 122 11.00 -7.31 3.85
C LYS D 122 11.47 -6.37 4.97
N ASN D 123 12.23 -6.92 5.96
CA ASN D 123 12.71 -6.19 7.14
C ASN D 123 13.46 -4.89 6.81
N PRO D 124 12.82 -3.72 7.11
CA PRO D 124 13.46 -2.42 6.80
C PRO D 124 14.77 -2.14 7.52
N LYS D 125 14.99 -2.79 8.67
CA LYS D 125 16.17 -2.62 9.52
C LYS D 125 17.32 -3.58 9.21
N LEU D 126 17.13 -4.61 8.33
CA LEU D 126 18.14 -5.65 8.10
C LEU D 126 19.55 -5.14 7.83
N THR D 127 19.70 -4.26 6.82
CA THR D 127 21.00 -3.70 6.42
C THR D 127 21.66 -2.90 7.52
N ARG D 128 20.90 -2.15 8.32
CA ARG D 128 21.46 -1.39 9.42
C ARG D 128 21.79 -2.28 10.62
N MET D 129 21.02 -3.37 10.84
CA MET D 129 21.32 -4.33 11.93
C MET D 129 22.60 -5.07 11.55
N LEU D 130 22.84 -5.32 10.23
CA LEU D 130 24.04 -5.97 9.69
C LEU D 130 25.34 -5.13 9.85
N THR D 131 25.25 -3.80 10.05
CA THR D 131 26.43 -2.94 10.28
C THR D 131 27.08 -3.21 11.65
N PHE D 132 26.38 -3.92 12.58
CA PHE D 132 26.89 -4.25 13.92
C PHE D 132 27.84 -5.42 13.92
N LYS D 133 28.89 -5.37 14.76
CA LYS D 133 29.87 -6.45 14.82
C LYS D 133 29.66 -7.34 16.03
N PHE D 134 29.65 -8.66 15.81
CA PHE D 134 29.50 -9.66 16.85
C PHE D 134 30.75 -10.51 16.94
N TYR D 135 31.19 -10.82 18.17
CA TYR D 135 32.37 -11.65 18.38
C TYR D 135 31.97 -13.12 18.27
N MET D 136 32.79 -13.90 17.57
CA MET D 136 32.57 -15.33 17.31
C MET D 136 33.49 -16.21 18.15
N PRO D 137 33.06 -17.42 18.58
CA PRO D 137 34.00 -18.29 19.33
C PRO D 137 35.06 -18.90 18.41
N LYS D 138 36.31 -19.01 18.92
CA LYS D 138 37.44 -19.60 18.20
C LYS D 138 37.12 -21.07 17.90
N LYS D 139 36.47 -21.74 18.87
CA LYS D 139 36.01 -23.12 18.82
C LYS D 139 34.69 -23.22 19.58
N ALA D 140 33.69 -23.90 18.98
CA ALA D 140 32.38 -24.14 19.58
C ALA D 140 31.97 -25.59 19.30
N THR D 141 32.46 -26.53 20.15
CA THR D 141 32.21 -27.97 20.02
C THR D 141 31.68 -28.64 21.31
N GLU D 142 31.75 -27.93 22.47
CA GLU D 142 31.31 -28.45 23.79
C GLU D 142 30.38 -27.44 24.47
N LEU D 143 29.60 -27.90 25.48
CA LEU D 143 28.65 -27.08 26.26
C LEU D 143 29.25 -25.86 26.96
N LYS D 144 30.53 -25.95 27.41
CA LYS D 144 31.26 -24.85 28.05
C LYS D 144 31.39 -23.60 27.15
N HIS D 145 31.45 -23.81 25.81
CA HIS D 145 31.60 -22.74 24.83
C HIS D 145 30.38 -21.81 24.75
N LEU D 146 29.26 -22.16 25.43
CA LEU D 146 28.07 -21.31 25.48
C LEU D 146 28.29 -19.97 26.24
N GLN D 147 29.38 -19.89 27.04
CA GLN D 147 29.83 -18.69 27.76
C GLN D 147 30.13 -17.57 26.74
N CYS D 148 30.52 -17.95 25.51
CA CYS D 148 30.82 -17.05 24.39
C CYS D 148 29.55 -16.43 23.82
N LEU D 149 28.40 -17.13 23.97
CA LEU D 149 27.12 -16.64 23.50
C LEU D 149 26.55 -15.68 24.56
N GLU D 150 26.69 -16.05 25.87
CA GLU D 150 26.22 -15.27 27.03
C GLU D 150 26.81 -13.86 27.06
N GLU D 151 28.13 -13.75 26.86
CA GLU D 151 28.83 -12.45 26.84
C GLU D 151 28.39 -11.54 25.70
N GLU D 152 27.93 -12.13 24.57
CA GLU D 152 27.47 -11.38 23.41
C GLU D 152 25.94 -11.14 23.38
N LEU D 153 25.23 -11.42 24.53
CA LEU D 153 23.79 -11.20 24.65
C LEU D 153 23.39 -9.74 24.81
N LYS D 154 24.21 -8.94 25.54
CA LYS D 154 23.97 -7.51 25.73
C LYS D 154 24.06 -6.76 24.40
N PRO D 155 25.11 -6.93 23.54
CA PRO D 155 25.09 -6.29 22.23
C PRO D 155 23.94 -6.79 21.34
N LEU D 156 23.53 -8.08 21.52
CA LEU D 156 22.40 -8.69 20.79
C LEU D 156 21.09 -7.95 21.10
N GLU D 157 20.80 -7.66 22.39
CA GLU D 157 19.60 -6.92 22.82
C GLU D 157 19.58 -5.49 22.25
N GLU D 158 20.75 -4.83 22.20
CA GLU D 158 20.89 -3.47 21.65
C GLU D 158 20.56 -3.42 20.15
N VAL D 159 20.89 -4.52 19.42
CA VAL D 159 20.57 -4.61 18.00
C VAL D 159 19.09 -4.94 17.83
N LEU D 160 18.55 -5.84 18.68
CA LEU D 160 17.13 -6.20 18.61
C LEU D 160 16.19 -5.04 18.98
N ASN D 161 16.70 -4.00 19.70
CA ASN D 161 15.94 -2.80 20.04
C ASN D 161 15.58 -1.99 18.77
N LEU D 162 16.29 -2.25 17.66
CA LEU D 162 16.03 -1.58 16.37
C LEU D 162 14.89 -2.30 15.65
N ALA D 163 14.59 -3.55 16.05
CA ALA D 163 13.51 -4.35 15.48
C ALA D 163 12.14 -4.03 16.10
N GLN D 164 11.09 -4.17 15.27
CA GLN D 164 9.70 -4.01 15.64
C GLN D 164 9.12 -5.42 15.51
N SER D 165 8.44 -5.91 16.57
CA SER D 165 7.85 -7.25 16.59
C SER D 165 6.48 -7.25 15.87
N LYS D 166 5.93 -8.45 15.61
CA LYS D 166 4.64 -8.60 14.93
C LYS D 166 3.48 -8.44 15.91
N GLY D 167 2.30 -8.12 15.40
CA GLY D 167 1.09 -8.03 16.21
C GLY D 167 0.39 -6.71 16.31
N GLY D 168 1.15 -5.61 16.23
CA GLY D 168 0.61 -4.25 16.33
C GLY D 168 -0.28 -3.78 15.19
N GLY D 169 -0.23 -4.48 14.05
CA GLY D 169 -0.98 -4.10 12.85
C GLY D 169 -0.13 -3.38 11.81
N GLY D 170 1.13 -3.09 12.15
CA GLY D 170 2.05 -2.42 11.25
C GLY D 170 2.26 -0.95 11.49
N ASP D 171 3.36 -0.44 10.96
CA ASP D 171 3.75 0.97 11.06
C ASP D 171 4.15 1.46 9.69
N SER D 172 4.11 2.79 9.50
CA SER D 172 4.46 3.46 8.27
C SER D 172 5.85 4.05 8.39
N TYR D 173 6.81 3.55 7.56
CA TYR D 173 8.22 3.95 7.52
C TYR D 173 8.37 5.13 6.58
N MET D 174 7.79 6.27 6.99
CA MET D 174 7.66 7.48 6.20
C MET D 174 7.81 8.68 7.13
N ASN D 175 8.62 9.66 6.75
CA ASN D 175 8.88 10.88 7.52
C ASN D 175 8.70 12.13 6.66
N TRP D 176 8.51 13.30 7.32
CA TRP D 176 8.37 14.63 6.69
C TRP D 176 9.44 15.61 7.20
N TYR D 177 10.08 16.37 6.26
CA TYR D 177 11.13 17.34 6.58
C TYR D 177 10.78 18.70 6.04
N GLN D 178 11.29 19.75 6.71
CA GLN D 178 11.13 21.13 6.30
C GLN D 178 12.51 21.69 5.95
N GLN D 179 12.60 22.38 4.82
CA GLN D 179 13.85 22.99 4.39
C GLN D 179 13.63 24.42 3.89
N LYS D 180 14.43 25.34 4.43
CA LYS D 180 14.45 26.75 4.05
C LYS D 180 15.72 27.03 3.23
N PRO D 181 15.74 28.08 2.36
CA PRO D 181 16.94 28.30 1.51
C PRO D 181 18.23 28.44 2.27
N GLY D 182 19.23 27.68 1.83
CA GLY D 182 20.57 27.66 2.42
C GLY D 182 20.72 26.79 3.64
N LYS D 183 19.60 26.43 4.28
CA LYS D 183 19.54 25.63 5.51
C LYS D 183 19.33 24.13 5.28
N ALA D 184 19.77 23.32 6.26
CA ALA D 184 19.60 21.88 6.27
C ALA D 184 18.14 21.47 6.47
N PRO D 185 17.71 20.27 5.98
CA PRO D 185 16.33 19.83 6.27
C PRO D 185 16.13 19.65 7.77
N LYS D 186 14.90 19.86 8.27
CA LYS D 186 14.52 19.78 9.67
C LYS D 186 13.30 18.86 9.80
N LEU D 187 13.47 17.80 10.57
CA LEU D 187 12.41 16.84 10.82
C LEU D 187 11.19 17.49 11.49
N LEU D 188 10.01 17.27 10.90
CA LEU D 188 8.75 17.75 11.47
C LEU D 188 7.95 16.58 12.03
N ILE D 189 7.82 15.50 11.24
CA ILE D 189 7.00 14.32 11.53
C ILE D 189 7.72 13.03 11.19
N TYR D 190 7.71 12.08 12.12
CA TYR D 190 8.28 10.76 11.89
C TYR D 190 7.19 9.73 11.93
N ALA D 191 7.41 8.59 11.22
CA ALA D 191 6.48 7.46 11.18
C ALA D 191 5.02 7.89 10.87
N ALA D 192 4.87 8.69 9.80
CA ALA D 192 3.64 9.24 9.22
C ALA D 192 2.86 10.22 10.07
N SER D 193 2.75 10.02 11.40
CA SER D 193 1.87 10.84 12.24
C SER D 193 2.45 11.45 13.53
N ASN D 194 3.71 11.14 13.89
CA ASN D 194 4.28 11.64 15.15
C ASN D 194 4.99 12.98 15.04
N LEU D 195 4.47 13.99 15.75
CA LEU D 195 5.04 15.33 15.80
C LEU D 195 6.36 15.30 16.55
N GLU D 196 7.38 15.94 15.98
CA GLU D 196 8.70 16.02 16.58
C GLU D 196 8.66 16.99 17.77
N SER D 197 9.41 16.70 18.84
CA SER D 197 9.52 17.57 20.02
C SER D 197 9.82 19.03 19.57
N GLY D 198 9.07 20.00 20.10
CA GLY D 198 9.27 21.41 19.78
C GLY D 198 8.59 21.92 18.52
N VAL D 199 8.04 21.02 17.67
CA VAL D 199 7.34 21.40 16.43
C VAL D 199 5.95 21.96 16.78
N PRO D 200 5.59 23.19 16.33
CA PRO D 200 4.25 23.75 16.65
C PRO D 200 3.11 22.78 16.32
N SER D 201 2.09 22.79 17.16
CA SER D 201 0.95 21.88 17.07
C SER D 201 0.11 22.05 15.81
N ARG D 202 0.35 23.12 15.02
CA ARG D 202 -0.34 23.36 13.75
C ARG D 202 0.04 22.34 12.66
N PHE D 203 1.15 21.61 12.85
CA PHE D 203 1.63 20.58 11.92
C PHE D 203 1.11 19.19 12.32
N SER D 204 0.57 18.44 11.34
CA SER D 204 0.08 17.08 11.53
C SER D 204 0.32 16.25 10.26
N GLY D 205 0.40 14.94 10.44
CA GLY D 205 0.55 13.98 9.34
C GLY D 205 -0.36 12.78 9.53
N SER D 206 -0.77 12.16 8.41
CA SER D 206 -1.60 10.95 8.38
C SER D 206 -1.38 10.18 7.10
N GLY D 207 -1.94 8.98 7.01
CA GLY D 207 -1.81 8.14 5.82
C GLY D 207 -1.23 6.78 6.14
N SER D 208 -1.30 5.85 5.18
CA SER D 208 -0.83 4.46 5.31
C SER D 208 -0.50 3.90 3.93
N GLY D 209 0.23 2.79 3.89
CA GLY D 209 0.62 2.07 2.69
C GLY D 209 1.40 2.90 1.68
N THR D 210 0.68 3.50 0.71
CA THR D 210 1.26 4.34 -0.35
C THR D 210 0.81 5.81 -0.31
N ASP D 211 -0.23 6.17 0.47
CA ASP D 211 -0.74 7.55 0.46
C ASP D 211 -0.54 8.24 1.76
N PHE D 212 0.11 9.39 1.72
CA PHE D 212 0.47 10.17 2.88
C PHE D 212 0.21 11.65 2.70
N THR D 213 -0.15 12.33 3.80
CA THR D 213 -0.44 13.75 3.80
C THR D 213 0.25 14.48 4.98
N LEU D 214 0.56 15.78 4.81
CA LEU D 214 1.11 16.71 5.81
C LEU D 214 0.18 17.92 5.81
N THR D 215 -0.29 18.33 6.97
CA THR D 215 -1.26 19.42 7.10
C THR D 215 -0.77 20.54 8.02
N ILE D 216 -1.01 21.79 7.64
CA ILE D 216 -0.73 22.97 8.47
C ILE D 216 -2.10 23.60 8.68
N SER D 217 -2.62 23.53 9.91
CA SER D 217 -3.98 24.00 10.26
C SER D 217 -4.21 25.48 10.01
N SER D 218 -3.23 26.31 10.43
CA SER D 218 -3.28 27.78 10.30
C SER D 218 -1.83 28.29 10.07
N LEU D 219 -1.51 28.52 8.79
CA LEU D 219 -0.19 28.93 8.29
C LEU D 219 0.33 30.24 8.91
N GLN D 220 1.61 30.26 9.25
CA GLN D 220 2.30 31.41 9.82
C GLN D 220 3.49 31.80 8.94
N SER D 221 4.10 32.97 9.21
CA SER D 221 5.24 33.54 8.46
C SER D 221 6.43 32.60 8.32
N GLU D 222 6.73 31.86 9.38
CA GLU D 222 7.86 30.95 9.43
C GLU D 222 7.65 29.63 8.69
N ASP D 223 6.42 29.40 8.17
CA ASP D 223 6.05 28.14 7.49
C ASP D 223 6.32 28.13 5.97
N PHE D 224 6.63 29.29 5.37
CA PHE D 224 6.95 29.34 3.94
C PHE D 224 8.33 28.71 3.76
N ALA D 225 8.36 27.54 3.08
CA ALA D 225 9.52 26.67 2.91
C ALA D 225 9.16 25.53 1.95
N THR D 226 10.10 24.58 1.76
CA THR D 226 9.94 23.35 0.98
C THR D 226 9.82 22.19 1.94
N TYR D 227 8.88 21.28 1.65
CA TYR D 227 8.57 20.13 2.47
C TYR D 227 8.86 18.88 1.68
N TYR D 228 9.58 17.95 2.31
CA TYR D 228 9.96 16.68 1.71
C TYR D 228 9.40 15.51 2.43
N CYS D 229 8.89 14.52 1.69
CA CYS D 229 8.52 13.24 2.28
C CYS D 229 9.73 12.31 2.10
N GLN D 230 9.84 11.26 2.93
CA GLN D 230 11.01 10.37 2.91
C GLN D 230 10.62 8.96 3.38
N GLN D 231 10.97 7.93 2.62
CA GLN D 231 10.62 6.56 3.01
C GLN D 231 11.82 5.85 3.58
N SER D 232 11.56 4.98 4.56
CA SER D 232 12.56 4.22 5.30
C SER D 232 12.27 2.73 5.24
N ASN D 233 11.42 2.28 4.30
CA ASN D 233 11.05 0.87 4.22
C ASN D 233 12.03 -0.03 3.49
N GLU D 234 12.62 0.46 2.39
CA GLU D 234 13.51 -0.35 1.57
C GLU D 234 14.75 0.46 1.20
N ASP D 235 15.91 -0.21 1.13
CA ASP D 235 17.13 0.44 0.70
C ASP D 235 17.15 0.46 -0.79
N PRO D 236 17.63 1.59 -1.38
CA PRO D 236 18.12 2.82 -0.67
C PRO D 236 16.95 3.71 -0.19
N TYR D 237 17.12 4.41 0.96
CA TYR D 237 16.09 5.36 1.42
C TYR D 237 15.90 6.41 0.29
N THR D 238 14.65 6.86 0.07
CA THR D 238 14.40 7.83 -0.98
C THR D 238 13.58 8.97 -0.43
N PHE D 239 13.64 10.11 -1.13
CA PHE D 239 12.92 11.32 -0.82
C PHE D 239 11.99 11.69 -1.95
N GLY D 240 10.95 12.45 -1.62
CA GLY D 240 10.07 13.03 -2.63
C GLY D 240 10.76 14.24 -3.25
N GLY D 241 10.26 14.71 -4.37
CA GLY D 241 10.82 15.89 -5.06
C GLY D 241 10.58 17.21 -4.36
N GLY D 242 9.78 17.20 -3.30
CA GLY D 242 9.47 18.40 -2.53
C GLY D 242 8.29 19.21 -2.99
N THR D 243 7.65 19.89 -2.01
CA THR D 243 6.55 20.82 -2.24
C THR D 243 6.95 22.16 -1.63
N LYS D 244 7.08 23.20 -2.47
CA LYS D 244 7.46 24.54 -2.04
C LYS D 244 6.22 25.38 -1.74
N VAL D 245 6.12 25.94 -0.51
CA VAL D 245 4.98 26.79 -0.10
C VAL D 245 5.41 28.27 -0.14
N GLU D 246 4.89 29.04 -1.11
CA GLU D 246 5.22 30.45 -1.34
C GLU D 246 4.22 31.47 -0.78
N ILE D 247 4.69 32.71 -0.51
CA ILE D 247 3.88 33.81 0.00
C ILE D 247 2.97 34.31 -1.11
N LYS D 248 1.67 34.25 -0.89
CA LYS D 248 0.67 34.73 -1.84
C LYS D 248 0.45 36.21 -1.55
N ARG D 249 0.36 37.04 -2.61
CA ARG D 249 0.14 38.49 -2.52
C ARG D 249 -0.63 38.99 -3.74
N THR D 250 -0.97 40.28 -3.76
CA THR D 250 -1.69 40.86 -4.89
C THR D 250 -0.75 40.93 -6.12
N VAL D 251 -1.32 40.78 -7.31
CA VAL D 251 -0.62 40.84 -8.58
C VAL D 251 0.10 42.21 -8.67
N ALA D 252 1.39 42.16 -9.05
CA ALA D 252 2.25 43.33 -9.19
C ALA D 252 3.00 43.23 -10.51
N ALA D 253 2.79 44.21 -11.40
CA ALA D 253 3.45 44.23 -12.71
C ALA D 253 4.90 44.64 -12.51
N PRO D 254 5.87 44.13 -13.30
CA PRO D 254 7.25 44.57 -13.07
C PRO D 254 7.55 45.98 -13.60
N SER D 255 8.52 46.65 -13.00
CA SER D 255 9.06 47.92 -13.51
C SER D 255 10.24 47.41 -14.37
N VAL D 256 10.13 47.55 -15.71
CA VAL D 256 11.12 47.03 -16.67
C VAL D 256 12.18 48.09 -17.00
N PHE D 257 13.44 47.70 -17.03
CA PHE D 257 14.53 48.62 -17.35
C PHE D 257 15.50 47.94 -18.30
N ILE D 258 16.06 48.66 -19.29
CA ILE D 258 17.06 48.08 -20.19
C ILE D 258 18.40 48.84 -20.05
N PHE D 259 19.50 48.10 -20.08
CA PHE D 259 20.84 48.63 -19.97
C PHE D 259 21.70 48.29 -21.18
N PRO D 260 22.23 49.28 -21.91
CA PRO D 260 23.12 48.95 -23.03
C PRO D 260 24.46 48.47 -22.49
N PRO D 261 25.32 47.82 -23.30
CA PRO D 261 26.64 47.47 -22.75
C PRO D 261 27.45 48.74 -22.45
N SER D 262 28.35 48.68 -21.47
CA SER D 262 29.24 49.82 -21.19
C SER D 262 30.26 49.94 -22.33
N ASP D 263 30.85 51.13 -22.48
CA ASP D 263 31.88 51.37 -23.47
C ASP D 263 33.11 50.53 -23.13
N GLU D 264 33.42 50.43 -21.80
CA GLU D 264 34.52 49.67 -21.22
C GLU D 264 34.47 48.22 -21.72
N GLN D 265 33.26 47.59 -21.61
CA GLN D 265 33.06 46.23 -22.06
C GLN D 265 33.13 46.11 -23.57
N LEU D 266 32.47 47.03 -24.30
CA LEU D 266 32.48 47.02 -25.76
C LEU D 266 33.90 47.08 -26.29
N LYS D 267 34.76 47.93 -25.68
CA LYS D 267 36.18 48.09 -26.01
C LYS D 267 36.94 46.74 -25.96
N SER D 268 36.50 45.82 -25.08
CA SER D 268 37.10 44.50 -24.89
C SER D 268 36.57 43.41 -25.86
N GLY D 269 35.62 43.77 -26.73
CA GLY D 269 35.08 42.87 -27.75
C GLY D 269 33.80 42.11 -27.42
N THR D 270 33.16 42.40 -26.28
CA THR D 270 31.92 41.73 -25.87
C THR D 270 30.88 42.81 -25.55
N ALA D 271 29.61 42.49 -25.81
CA ALA D 271 28.47 43.32 -25.50
C ALA D 271 27.44 42.48 -24.75
N SER D 272 27.27 42.78 -23.45
CA SER D 272 26.25 42.20 -22.57
C SER D 272 25.16 43.27 -22.49
N VAL D 273 23.92 42.91 -22.81
CA VAL D 273 22.75 43.82 -22.78
C VAL D 273 21.85 43.26 -21.69
N VAL D 274 21.48 44.09 -20.70
CA VAL D 274 20.70 43.62 -19.56
C VAL D 274 19.30 44.22 -19.50
N CYS D 275 18.28 43.34 -19.34
CA CYS D 275 16.89 43.69 -19.13
C CYS D 275 16.61 43.33 -17.65
N LEU D 276 16.05 44.28 -16.88
CA LEU D 276 15.69 44.08 -15.48
C LEU D 276 14.18 44.14 -15.32
N LEU D 277 13.59 43.17 -14.62
CA LEU D 277 12.16 43.13 -14.28
C LEU D 277 12.16 43.22 -12.77
N ASN D 278 11.75 44.37 -12.25
CA ASN D 278 11.80 44.67 -10.82
C ASN D 278 10.48 44.59 -10.09
N ASN D 279 10.52 43.97 -8.90
CA ASN D 279 9.46 43.85 -7.91
C ASN D 279 8.08 43.46 -8.50
N PHE D 280 7.99 42.22 -9.01
CA PHE D 280 6.77 41.69 -9.61
C PHE D 280 6.26 40.47 -8.88
N TYR D 281 4.96 40.18 -9.11
CA TYR D 281 4.26 39.03 -8.58
C TYR D 281 3.06 38.70 -9.50
N PRO D 282 2.84 37.41 -9.92
CA PRO D 282 3.58 36.17 -9.59
C PRO D 282 4.93 36.07 -10.26
N ARG D 283 5.65 34.97 -9.96
CA ARG D 283 6.97 34.62 -10.48
C ARG D 283 6.99 34.52 -12.01
N GLU D 284 5.97 33.91 -12.60
CA GLU D 284 5.82 33.66 -14.04
C GLU D 284 5.98 34.93 -14.88
N ALA D 285 7.01 34.97 -15.74
CA ALA D 285 7.27 36.12 -16.62
C ALA D 285 8.04 35.66 -17.85
N LYS D 286 7.64 36.14 -19.02
CA LYS D 286 8.27 35.80 -20.28
C LYS D 286 9.06 37.01 -20.75
N VAL D 287 10.36 36.82 -20.99
CA VAL D 287 11.24 37.87 -21.48
C VAL D 287 11.71 37.45 -22.85
N GLN D 288 11.51 38.32 -23.84
CA GLN D 288 11.97 38.03 -25.19
C GLN D 288 12.87 39.12 -25.70
N TRP D 289 14.03 38.73 -26.26
CA TRP D 289 14.94 39.74 -26.81
C TRP D 289 14.68 39.91 -28.28
N LYS D 290 14.61 41.17 -28.74
CA LYS D 290 14.41 41.50 -30.15
C LYS D 290 15.49 42.46 -30.58
N VAL D 291 16.13 42.14 -31.71
CA VAL D 291 17.22 42.92 -32.28
C VAL D 291 16.73 43.29 -33.68
N ASP D 292 16.41 44.59 -33.90
CA ASP D 292 15.82 45.12 -35.13
C ASP D 292 14.50 44.39 -35.45
N ASN D 293 13.69 44.13 -34.40
CA ASN D 293 12.38 43.46 -34.40
C ASN D 293 12.46 41.93 -34.69
N ALA D 294 13.68 41.35 -34.71
CA ALA D 294 13.90 39.93 -34.94
C ALA D 294 14.15 39.24 -33.61
N LEU D 295 13.32 38.23 -33.31
CA LEU D 295 13.40 37.46 -32.07
C LEU D 295 14.72 36.70 -31.93
N GLN D 296 15.44 36.97 -30.83
CA GLN D 296 16.72 36.34 -30.49
C GLN D 296 16.48 35.08 -29.68
N SER D 297 17.32 34.06 -29.93
CA SER D 297 17.26 32.79 -29.23
C SER D 297 18.65 32.24 -28.95
N GLY D 298 18.82 31.64 -27.77
CA GLY D 298 20.06 30.97 -27.36
C GLY D 298 21.30 31.78 -27.06
N ASN D 299 21.16 33.10 -26.91
CA ASN D 299 22.29 33.96 -26.55
C ASN D 299 21.93 34.75 -25.30
N SER D 300 20.88 34.30 -24.60
CA SER D 300 20.45 34.94 -23.36
C SER D 300 20.36 33.96 -22.18
N GLN D 301 20.59 34.48 -20.97
CA GLN D 301 20.49 33.78 -19.70
C GLN D 301 19.70 34.67 -18.72
N GLU D 302 18.91 34.04 -17.85
CA GLU D 302 18.07 34.68 -16.84
C GLU D 302 18.51 34.28 -15.45
N SER D 303 18.15 35.09 -14.47
CA SER D 303 18.45 34.86 -13.06
C SER D 303 17.32 35.53 -12.32
N VAL D 304 16.78 34.87 -11.29
CA VAL D 304 15.66 35.37 -10.50
C VAL D 304 16.02 35.34 -8.99
N THR D 305 15.62 36.39 -8.24
CA THR D 305 15.85 36.48 -6.80
C THR D 305 14.80 35.61 -6.07
N GLU D 306 15.01 35.36 -4.76
CA GLU D 306 13.98 34.63 -3.96
C GLU D 306 12.91 35.68 -3.61
N GLN D 307 11.77 35.27 -3.07
CA GLN D 307 10.74 36.26 -2.73
C GLN D 307 11.25 37.26 -1.70
N ASP D 308 10.96 38.56 -1.92
CA ASP D 308 11.38 39.61 -1.00
C ASP D 308 10.77 39.36 0.40
N SER D 309 11.60 39.52 1.45
CA SER D 309 11.28 39.31 2.85
C SER D 309 10.05 40.10 3.34
N LYS D 310 9.86 41.33 2.82
CA LYS D 310 8.71 42.16 3.21
C LYS D 310 7.68 42.37 2.07
N ASP D 311 8.15 42.75 0.88
CA ASP D 311 7.38 43.04 -0.33
C ASP D 311 6.72 41.77 -0.92
N SER D 312 7.40 40.59 -0.75
CA SER D 312 7.00 39.27 -1.27
C SER D 312 7.04 39.18 -2.80
N THR D 313 7.71 40.14 -3.45
CA THR D 313 7.84 40.18 -4.90
C THR D 313 9.15 39.48 -5.34
N TYR D 314 9.33 39.36 -6.64
CA TYR D 314 10.50 38.81 -7.30
C TYR D 314 11.10 39.87 -8.17
N SER D 315 12.38 39.71 -8.50
CA SER D 315 13.03 40.53 -9.50
C SER D 315 13.80 39.55 -10.41
N LEU D 316 13.93 39.89 -11.69
CA LEU D 316 14.58 39.04 -12.68
C LEU D 316 15.53 39.87 -13.55
N SER D 317 16.69 39.31 -13.86
CA SER D 317 17.63 39.91 -14.80
C SER D 317 17.69 38.98 -15.99
N SER D 318 17.75 39.53 -17.20
CA SER D 318 17.95 38.76 -18.42
C SER D 318 19.13 39.39 -19.15
N THR D 319 20.13 38.57 -19.45
CA THR D 319 21.34 39.04 -20.12
C THR D 319 21.52 38.47 -21.50
N LEU D 320 21.55 39.36 -22.51
CA LEU D 320 21.81 38.98 -23.89
C LEU D 320 23.31 39.23 -24.12
N THR D 321 24.06 38.20 -24.55
CA THR D 321 25.49 38.36 -24.81
C THR D 321 25.80 38.25 -26.29
N LEU D 322 26.52 39.25 -26.82
CA LEU D 322 26.94 39.28 -28.20
C LEU D 322 28.40 39.72 -28.33
N SER D 323 29.04 39.40 -29.45
CA SER D 323 30.38 39.92 -29.69
C SER D 323 30.19 41.40 -30.11
N LYS D 324 31.24 42.27 -29.94
CA LYS D 324 31.22 43.69 -30.35
C LYS D 324 30.80 43.79 -31.84
N ALA D 325 31.26 42.84 -32.70
CA ALA D 325 30.93 42.81 -34.13
C ALA D 325 29.45 42.55 -34.41
N ASP D 326 28.86 41.53 -33.76
CA ASP D 326 27.44 41.19 -33.93
C ASP D 326 26.54 42.31 -33.40
N TYR D 327 26.96 42.93 -32.27
CA TYR D 327 26.30 44.07 -31.65
C TYR D 327 26.24 45.31 -32.60
N GLU D 328 27.36 45.59 -33.29
CA GLU D 328 27.49 46.74 -34.19
C GLU D 328 26.79 46.55 -35.54
N LYS D 329 26.32 45.32 -35.84
CA LYS D 329 25.56 45.00 -37.07
C LYS D 329 24.09 45.47 -36.91
N HIS D 330 23.63 45.78 -35.68
CA HIS D 330 22.23 46.15 -35.46
C HIS D 330 22.04 47.46 -34.70
N LYS D 331 20.85 48.05 -34.81
CA LYS D 331 20.52 49.33 -34.20
C LYS D 331 19.60 49.24 -32.97
N VAL D 332 18.38 48.69 -33.13
CA VAL D 332 17.36 48.62 -32.09
C VAL D 332 17.50 47.35 -31.25
N TYR D 333 17.65 47.53 -29.93
CA TYR D 333 17.76 46.46 -28.93
C TYR D 333 16.57 46.56 -28.00
N ALA D 334 15.76 45.51 -27.99
CA ALA D 334 14.55 45.51 -27.20
C ALA D 334 14.37 44.26 -26.37
N CYS D 335 13.76 44.42 -25.20
CA CYS D 335 13.32 43.28 -24.40
C CYS D 335 11.81 43.44 -24.18
N GLU D 336 11.05 42.43 -24.63
CA GLU D 336 9.59 42.37 -24.57
C GLU D 336 9.20 41.48 -23.38
N VAL D 337 8.50 42.08 -22.42
CA VAL D 337 8.09 41.47 -21.16
C VAL D 337 6.60 41.14 -21.10
N THR D 338 6.30 39.86 -20.85
CA THR D 338 4.94 39.35 -20.68
C THR D 338 4.79 38.96 -19.22
N HIS D 339 3.77 39.51 -18.58
CA HIS D 339 3.49 39.29 -17.16
C HIS D 339 2.02 39.56 -16.94
N GLN D 340 1.39 38.75 -16.04
CA GLN D 340 -0.04 38.79 -15.67
C GLN D 340 -0.50 40.19 -15.27
N GLY D 341 0.36 40.93 -14.57
CA GLY D 341 0.11 42.29 -14.12
C GLY D 341 0.03 43.33 -15.23
N LEU D 342 0.62 43.00 -16.41
CA LEU D 342 0.62 43.88 -17.59
C LEU D 342 -0.54 43.52 -18.53
N SER D 343 -1.37 44.51 -18.91
CA SER D 343 -2.50 44.28 -19.83
C SER D 343 -2.01 43.76 -21.19
N SER D 344 -0.83 44.24 -21.61
CA SER D 344 -0.18 43.89 -22.87
C SER D 344 1.31 43.76 -22.64
N PRO D 345 2.05 42.98 -23.47
CA PRO D 345 3.50 42.92 -23.30
C PRO D 345 4.16 44.29 -23.37
N VAL D 346 5.01 44.60 -22.38
CA VAL D 346 5.75 45.86 -22.27
C VAL D 346 7.15 45.72 -22.89
N THR D 347 7.49 46.65 -23.78
CA THR D 347 8.77 46.68 -24.50
C THR D 347 9.67 47.82 -24.01
N LYS D 348 10.95 47.52 -23.73
CA LYS D 348 11.93 48.52 -23.36
C LYS D 348 13.03 48.43 -24.39
N SER D 349 13.36 49.56 -25.02
CA SER D 349 14.31 49.65 -26.12
C SER D 349 15.35 50.72 -25.93
N PHE D 350 16.37 50.63 -26.79
CA PHE D 350 17.42 51.62 -27.00
C PHE D 350 17.97 51.44 -28.42
N ASN D 351 18.57 52.51 -28.95
CA ASN D 351 19.24 52.54 -30.23
C ASN D 351 20.71 52.58 -29.91
N ARG D 352 21.48 51.65 -30.49
CA ARG D 352 22.92 51.47 -30.32
C ARG D 352 23.71 52.81 -30.23
N GLY D 353 23.28 53.84 -30.95
CA GLY D 353 23.87 55.19 -30.86
C GLY D 353 23.59 55.79 -29.49
N GLU D 354 22.30 56.12 -29.21
CA GLU D 354 21.74 56.58 -27.93
C GLU D 354 20.19 56.68 -27.95
N CYS D 355 19.52 55.90 -27.04
CA CYS D 355 18.06 55.83 -26.83
C CYS D 355 17.72 55.02 -25.57
#